data_4EYA
#
_entry.id   4EYA
#
_cell.length_a   126.424
_cell.length_b   126.264
_cell.length_c   144.131
_cell.angle_alpha   90.000
_cell.angle_beta   89.980
_cell.angle_gamma   90.000
#
_symmetry.space_group_name_H-M   'C 1 2 1'
#
loop_
_entity.id
_entity.type
_entity.pdbx_description
1 polymer 'N utilization substance protein B homolog'
2 polymer "RNA (5'-R(*GP*GP*CP*UP*CP*CP*UP*UP*GP*GP*CP*A)-3')"
3 non-polymer GLYCEROL
4 non-polymer 'SULFATE ION'
#
loop_
_entity_poly.entity_id
_entity_poly.type
_entity_poly.pdbx_seq_one_letter_code
_entity_poly.pdbx_strand_id
1 'polypeptide(L)'
;MRYRKGARDTAFLVLYRWDLRGENPGELFKEVVEEKNIKNKDAYEYAKKLVDTAVRHIEEIDSIIEKHLKGWSIDRLGYV
ERNALRLGVAELIFLKSKEPGRVFIDIVDLVKKYADEKAGKFVNGVLSAIYKAYITSSKEEKPSLKSE
;
A,B,C,D,E,F,G,H
2 'polyribonucleotide' GGCUCCUUGGCA a,c,e,g,i,j,h,f,d,b,k,m,o,q,s,t,r,p,n,l
#
# COMPACT_ATOMS: atom_id res chain seq x y z
N MET A 1 23.80 8.58 -81.76
CA MET A 1 24.86 8.87 -80.79
C MET A 1 24.39 8.69 -79.34
N ARG A 2 24.57 9.73 -78.54
CA ARG A 2 24.30 9.66 -77.10
C ARG A 2 22.83 9.84 -76.68
N TYR A 3 22.07 10.57 -77.49
CA TYR A 3 20.68 10.91 -77.15
C TYR A 3 19.77 9.68 -76.99
N ARG A 4 20.24 8.56 -77.50
CA ARG A 4 19.48 7.32 -77.53
C ARG A 4 19.01 6.85 -76.16
N LYS A 5 19.89 6.89 -75.17
CA LYS A 5 19.54 6.46 -73.81
C LYS A 5 18.40 7.27 -73.23
N GLY A 6 18.52 8.60 -73.30
CA GLY A 6 17.49 9.50 -72.83
C GLY A 6 16.18 9.27 -73.54
N ALA A 7 16.25 9.10 -74.86
CA ALA A 7 15.07 8.80 -75.65
C ALA A 7 14.38 7.53 -75.15
N ARG A 8 15.18 6.51 -74.85
CA ARG A 8 14.65 5.24 -74.38
C ARG A 8 13.99 5.38 -73.01
N ASP A 9 14.61 6.18 -72.14
CA ASP A 9 14.04 6.45 -70.83
C ASP A 9 12.67 7.12 -70.97
N THR A 10 12.64 8.19 -71.76
CA THR A 10 11.39 8.92 -72.01
C THR A 10 10.30 7.99 -72.54
N ALA A 11 10.66 7.21 -73.55
CA ALA A 11 9.72 6.28 -74.17
C ALA A 11 9.21 5.28 -73.14
N PHE A 12 10.09 4.79 -72.28
CA PHE A 12 9.70 3.85 -71.26
C PHE A 12 8.70 4.46 -70.28
N LEU A 13 8.96 5.69 -69.85
CA LEU A 13 8.00 6.39 -68.98
C LEU A 13 6.64 6.50 -69.66
N VAL A 14 6.65 6.96 -70.92
CA VAL A 14 5.42 7.11 -71.67
C VAL A 14 4.62 5.82 -71.77
N LEU A 15 5.30 4.70 -72.05
CA LEU A 15 4.62 3.42 -72.17
C LEU A 15 4.10 2.91 -70.83
N TYR A 16 4.94 3.04 -69.80
CA TYR A 16 4.57 2.65 -68.44
C TYR A 16 3.30 3.35 -67.99
N ARG A 17 3.23 4.67 -68.20
CA ARG A 17 2.07 5.44 -67.80
C ARG A 17 0.89 5.20 -68.73
N TRP A 18 1.16 4.90 -69.99
CA TRP A 18 0.10 4.59 -70.95
C TRP A 18 -0.62 3.32 -70.54
N ASP A 19 0.15 2.34 -70.08
CA ASP A 19 -0.42 1.07 -69.66
C ASP A 19 -1.11 1.23 -68.31
N LEU A 20 -0.43 1.91 -67.38
CA LEU A 20 -0.95 2.07 -66.03
C LEU A 20 -2.12 3.04 -65.92
N ARG A 21 -1.93 4.26 -66.42
CA ARG A 21 -2.93 5.32 -66.24
C ARG A 21 -3.98 5.36 -67.34
N GLY A 22 -3.74 4.66 -68.44
CA GLY A 22 -4.66 4.63 -69.56
C GLY A 22 -4.86 5.96 -70.27
N GLU A 23 -4.03 6.93 -69.93
CA GLU A 23 -4.10 8.25 -70.55
C GLU A 23 -3.55 8.25 -71.98
N ASN A 24 -3.93 9.25 -72.76
CA ASN A 24 -3.45 9.40 -74.12
C ASN A 24 -1.93 9.49 -74.22
N PRO A 25 -1.33 8.70 -75.13
CA PRO A 25 0.12 8.62 -75.35
C PRO A 25 0.76 9.98 -75.63
N GLY A 26 0.11 10.80 -76.46
CA GLY A 26 0.64 12.12 -76.80
C GLY A 26 0.66 13.05 -75.60
N GLU A 27 -0.43 13.04 -74.84
CA GLU A 27 -0.53 13.86 -73.64
C GLU A 27 0.51 13.47 -72.61
N LEU A 28 0.68 12.16 -72.40
CA LEU A 28 1.67 11.65 -71.48
C LEU A 28 3.08 11.97 -71.97
N PHE A 29 3.25 12.00 -73.28
CA PHE A 29 4.52 12.38 -73.89
C PHE A 29 4.82 13.83 -73.53
N LYS A 30 3.83 14.69 -73.68
CA LYS A 30 3.96 16.09 -73.29
C LYS A 30 4.32 16.21 -71.81
N GLU A 31 3.65 15.44 -70.97
CA GLU A 31 3.90 15.44 -69.53
C GLU A 31 5.34 15.08 -69.21
N VAL A 32 5.79 13.93 -69.73
CA VAL A 32 7.13 13.44 -69.46
C VAL A 32 8.20 14.40 -69.97
N VAL A 33 8.02 14.89 -71.19
CA VAL A 33 8.95 15.84 -71.78
C VAL A 33 9.05 17.13 -70.94
N GLU A 34 7.91 17.64 -70.52
CA GLU A 34 7.87 18.86 -69.72
C GLU A 34 8.50 18.69 -68.33
N GLU A 35 8.22 17.55 -67.70
CA GLU A 35 8.70 17.32 -66.34
C GLU A 35 10.18 16.93 -66.31
N LYS A 36 10.67 16.32 -67.39
CA LYS A 36 12.07 15.96 -67.47
C LYS A 36 12.92 17.14 -67.94
N ASN A 37 12.26 18.21 -68.35
CA ASN A 37 12.91 19.39 -68.92
C ASN A 37 13.75 19.03 -70.14
N ILE A 38 13.15 18.26 -71.05
CA ILE A 38 13.82 17.87 -72.28
C ILE A 38 13.82 19.02 -73.27
N LYS A 39 14.98 19.27 -73.87
CA LYS A 39 15.16 20.39 -74.79
C LYS A 39 15.74 19.93 -76.12
N ASN A 40 16.91 19.32 -76.06
CA ASN A 40 17.65 18.88 -77.26
C ASN A 40 16.77 18.10 -78.24
N LYS A 41 16.84 18.50 -79.50
CA LYS A 41 15.91 18.02 -80.53
C LYS A 41 16.01 16.52 -80.82
N ASP A 42 17.22 16.01 -80.92
CA ASP A 42 17.43 14.60 -81.24
C ASP A 42 16.74 13.67 -80.26
N ALA A 43 16.92 13.95 -78.98
CA ALA A 43 16.30 13.16 -77.92
C ALA A 43 14.78 13.21 -78.00
N TYR A 44 14.25 14.41 -78.26
CA TYR A 44 12.82 14.64 -78.35
C TYR A 44 12.21 13.82 -79.48
N GLU A 45 12.76 13.99 -80.68
CA GLU A 45 12.25 13.33 -81.87
C GLU A 45 12.43 11.82 -81.81
N TYR A 46 13.56 11.38 -81.25
CA TYR A 46 13.83 9.95 -81.13
C TYR A 46 12.86 9.32 -80.14
N ALA A 47 12.60 10.01 -79.04
CA ALA A 47 11.65 9.54 -78.05
C ALA A 47 10.25 9.46 -78.67
N LYS A 48 9.90 10.48 -79.44
CA LYS A 48 8.60 10.50 -80.13
C LYS A 48 8.47 9.33 -81.10
N LYS A 49 9.54 9.05 -81.84
CA LYS A 49 9.52 7.94 -82.80
C LYS A 49 9.43 6.59 -82.09
N LEU A 50 10.11 6.47 -80.96
CA LEU A 50 10.05 5.26 -80.15
C LEU A 50 8.64 5.03 -79.63
N VAL A 51 8.04 6.07 -79.06
CA VAL A 51 6.68 5.99 -78.54
C VAL A 51 5.68 5.65 -79.64
N ASP A 52 5.80 6.33 -80.78
CA ASP A 52 4.90 6.09 -81.91
C ASP A 52 5.04 4.67 -82.47
N THR A 53 6.27 4.18 -82.53
CA THR A 53 6.54 2.83 -83.03
C THR A 53 6.11 1.79 -82.01
N ALA A 54 5.98 2.21 -80.76
CA ALA A 54 5.48 1.34 -79.70
C ALA A 54 3.96 1.25 -79.68
N VAL A 55 3.29 2.38 -79.89
CA VAL A 55 1.83 2.47 -79.83
C VAL A 55 1.24 1.80 -81.08
N ARG A 56 1.53 2.37 -82.24
CA ARG A 56 1.29 1.65 -83.48
C ARG A 56 2.14 0.38 -83.38
N HIS A 57 1.58 -0.76 -83.80
CA HIS A 57 2.22 -2.08 -83.71
C HIS A 57 2.12 -2.75 -82.32
N ILE A 58 1.50 -2.06 -81.36
CA ILE A 58 1.43 -2.55 -79.98
C ILE A 58 0.94 -4.00 -79.82
N GLU A 59 -0.08 -4.38 -80.58
CA GLU A 59 -0.67 -5.71 -80.45
C GLU A 59 0.25 -6.77 -81.05
N GLU A 60 0.89 -6.42 -82.17
CA GLU A 60 1.85 -7.31 -82.81
C GLU A 60 2.98 -7.61 -81.83
N ILE A 61 3.49 -6.56 -81.19
CA ILE A 61 4.52 -6.67 -80.17
C ILE A 61 4.06 -7.56 -79.03
N ASP A 62 2.88 -7.26 -78.48
CA ASP A 62 2.30 -8.06 -77.40
C ASP A 62 2.26 -9.54 -77.74
N SER A 63 1.87 -9.84 -78.98
CA SER A 63 1.84 -11.23 -79.44
C SER A 63 3.25 -11.82 -79.44
N ILE A 64 4.19 -11.06 -79.99
CA ILE A 64 5.58 -11.49 -80.07
C ILE A 64 6.16 -11.87 -78.71
N ILE A 65 5.99 -10.98 -77.72
CA ILE A 65 6.49 -11.28 -76.38
C ILE A 65 5.68 -12.38 -75.70
N GLU A 66 4.40 -12.48 -76.05
CA GLU A 66 3.53 -13.47 -75.43
C GLU A 66 3.85 -14.87 -75.94
N LYS A 67 4.52 -14.93 -77.09
CA LYS A 67 4.98 -16.21 -77.63
C LYS A 67 6.08 -16.82 -76.77
N HIS A 68 6.91 -15.98 -76.18
CA HIS A 68 8.07 -16.44 -75.42
C HIS A 68 7.80 -16.56 -73.92
N LEU A 69 6.56 -16.31 -73.51
CA LEU A 69 6.19 -16.41 -72.10
C LEU A 69 5.72 -17.82 -71.76
N LYS A 70 5.81 -18.71 -72.74
CA LYS A 70 5.45 -20.12 -72.57
C LYS A 70 3.99 -20.31 -72.16
N GLY A 71 3.10 -19.65 -72.89
CA GLY A 71 1.67 -19.78 -72.67
C GLY A 71 1.13 -18.79 -71.65
N TRP A 72 2.03 -18.04 -71.01
CA TRP A 72 1.62 -17.11 -69.97
C TRP A 72 1.10 -15.81 -70.57
N SER A 73 -0.08 -15.39 -70.13
CA SER A 73 -0.67 -14.14 -70.59
C SER A 73 0.20 -12.97 -70.10
N ILE A 74 0.31 -11.93 -70.94
CA ILE A 74 1.26 -10.85 -70.68
C ILE A 74 0.89 -9.99 -69.46
N ASP A 75 -0.37 -10.03 -69.05
CA ASP A 75 -0.80 -9.29 -67.87
C ASP A 75 -0.28 -9.90 -66.58
N ARG A 76 0.36 -11.06 -66.69
CA ARG A 76 0.90 -11.76 -65.53
C ARG A 76 2.29 -11.26 -65.16
N LEU A 77 2.81 -10.33 -65.95
CA LEU A 77 4.11 -9.74 -65.66
C LEU A 77 3.93 -8.42 -64.91
N GLY A 78 5.05 -7.81 -64.54
CA GLY A 78 4.99 -6.51 -63.89
C GLY A 78 4.86 -5.42 -64.93
N TYR A 79 4.41 -4.24 -64.52
CA TYR A 79 4.27 -3.11 -65.42
C TYR A 79 5.62 -2.75 -66.06
N VAL A 80 6.63 -2.61 -65.21
CA VAL A 80 7.99 -2.30 -65.67
C VAL A 80 8.48 -3.35 -66.66
N GLU A 81 8.43 -4.61 -66.25
CA GLU A 81 8.89 -5.71 -67.10
C GLU A 81 8.18 -5.71 -68.44
N ARG A 82 6.85 -5.74 -68.40
CA ARG A 82 6.03 -5.72 -69.60
C ARG A 82 6.37 -4.56 -70.55
N ASN A 83 6.17 -3.34 -70.08
CA ASN A 83 6.40 -2.15 -70.91
C ASN A 83 7.83 -2.04 -71.44
N ALA A 84 8.81 -2.38 -70.62
CA ALA A 84 10.20 -2.36 -71.05
C ALA A 84 10.43 -3.40 -72.14
N LEU A 85 9.80 -4.55 -72.01
CA LEU A 85 9.87 -5.57 -73.05
C LEU A 85 9.22 -5.09 -74.35
N ARG A 86 8.14 -4.34 -74.21
CA ARG A 86 7.46 -3.77 -75.37
C ARG A 86 8.37 -2.80 -76.11
N LEU A 87 8.97 -1.87 -75.37
CA LEU A 87 9.90 -0.90 -75.95
C LEU A 87 11.08 -1.61 -76.60
N GLY A 88 11.63 -2.59 -75.89
CA GLY A 88 12.75 -3.36 -76.39
C GLY A 88 12.45 -4.07 -77.70
N VAL A 89 11.29 -4.71 -77.78
CA VAL A 89 10.88 -5.39 -79.00
C VAL A 89 10.68 -4.38 -80.14
N ALA A 90 10.04 -3.25 -79.81
CA ALA A 90 9.82 -2.19 -80.79
C ALA A 90 11.12 -1.73 -81.42
N GLU A 91 12.07 -1.34 -80.57
CA GLU A 91 13.36 -0.84 -81.05
C GLU A 91 14.19 -1.90 -81.77
N LEU A 92 14.32 -3.08 -81.17
CA LEU A 92 15.14 -4.15 -81.74
C LEU A 92 14.61 -4.64 -83.08
N ILE A 93 13.31 -4.91 -83.12
CA ILE A 93 12.70 -5.48 -84.32
C ILE A 93 12.17 -4.44 -85.28
N PHE A 94 11.17 -3.68 -84.84
CA PHE A 94 10.42 -2.82 -85.74
C PHE A 94 11.23 -1.66 -86.33
N LEU A 95 12.16 -1.13 -85.55
CA LEU A 95 13.05 -0.09 -86.06
C LEU A 95 14.38 -0.67 -86.52
N LYS A 96 14.56 -1.98 -86.32
CA LYS A 96 15.79 -2.69 -86.68
C LYS A 96 17.06 -1.97 -86.22
N SER A 97 17.28 -1.96 -84.91
CA SER A 97 18.44 -1.27 -84.35
C SER A 97 19.74 -1.89 -84.82
N LYS A 98 20.68 -1.04 -85.24
CA LYS A 98 21.99 -1.52 -85.71
C LYS A 98 22.92 -1.70 -84.51
N GLU A 99 22.40 -1.42 -83.32
CA GLU A 99 23.16 -1.54 -82.08
C GLU A 99 22.37 -2.37 -81.07
N PRO A 100 22.15 -3.65 -81.37
CA PRO A 100 21.27 -4.50 -80.54
C PRO A 100 21.77 -4.62 -79.12
N GLY A 101 23.05 -4.91 -78.95
CA GLY A 101 23.63 -5.09 -77.63
C GLY A 101 23.49 -3.84 -76.79
N ARG A 102 23.66 -2.69 -77.42
CA ARG A 102 23.52 -1.41 -76.74
C ARG A 102 22.10 -1.26 -76.20
N VAL A 103 21.13 -1.56 -77.05
CA VAL A 103 19.73 -1.52 -76.66
C VAL A 103 19.48 -2.45 -75.49
N PHE A 104 20.06 -3.64 -75.54
CA PHE A 104 19.96 -4.59 -74.44
C PHE A 104 20.47 -3.99 -73.13
N ILE A 105 21.68 -3.46 -73.16
CA ILE A 105 22.29 -2.83 -71.98
C ILE A 105 21.40 -1.74 -71.41
N ASP A 106 20.94 -0.82 -72.25
CA ASP A 106 20.14 0.31 -71.78
C ASP A 106 18.79 -0.13 -71.21
N ILE A 107 18.12 -1.03 -71.93
CA ILE A 107 16.82 -1.54 -71.49
C ILE A 107 16.94 -2.25 -70.15
N VAL A 108 17.87 -3.19 -70.05
CA VAL A 108 18.08 -3.92 -68.80
C VAL A 108 18.43 -2.96 -67.67
N ASP A 109 19.22 -1.94 -67.98
CA ASP A 109 19.53 -0.89 -67.01
C ASP A 109 18.25 -0.22 -66.50
N LEU A 110 17.36 0.14 -67.42
CA LEU A 110 16.09 0.76 -67.06
C LEU A 110 15.24 -0.17 -66.19
N VAL A 111 15.27 -1.46 -66.50
CA VAL A 111 14.50 -2.43 -65.73
C VAL A 111 15.04 -2.55 -64.31
N LYS A 112 16.36 -2.64 -64.17
CA LYS A 112 16.97 -2.69 -62.85
C LYS A 112 16.63 -1.44 -62.06
N LYS A 113 16.73 -0.29 -62.73
CA LYS A 113 16.50 1.01 -62.10
C LYS A 113 15.08 1.17 -61.59
N TYR A 114 14.09 0.91 -62.44
CA TYR A 114 12.71 1.15 -62.07
C TYR A 114 12.05 0.02 -61.27
N ALA A 115 12.65 -1.18 -61.30
CA ALA A 115 12.11 -2.30 -60.53
C ALA A 115 13.13 -2.90 -59.56
N ASP A 116 14.04 -3.71 -60.10
CA ASP A 116 15.03 -4.44 -59.30
C ASP A 116 15.91 -5.33 -60.18
N GLU A 117 16.89 -5.97 -59.54
CA GLU A 117 17.86 -6.83 -60.24
C GLU A 117 17.20 -8.01 -60.95
N LYS A 118 16.38 -8.77 -60.22
CA LYS A 118 15.73 -9.96 -60.75
C LYS A 118 14.86 -9.66 -61.96
N ALA A 119 14.15 -8.54 -61.92
CA ALA A 119 13.34 -8.10 -63.04
C ALA A 119 14.25 -7.86 -64.25
N GLY A 120 15.43 -7.31 -63.97
CA GLY A 120 16.42 -7.06 -65.00
C GLY A 120 16.89 -8.35 -65.66
N LYS A 121 17.17 -9.37 -64.84
CA LYS A 121 17.58 -10.66 -65.37
C LYS A 121 16.48 -11.31 -66.19
N PHE A 122 15.25 -11.23 -65.69
CA PHE A 122 14.08 -11.75 -66.39
C PHE A 122 13.91 -11.12 -67.77
N VAL A 123 13.83 -9.79 -67.79
CA VAL A 123 13.70 -9.03 -69.03
C VAL A 123 14.85 -9.35 -69.99
N ASN A 124 16.05 -9.44 -69.43
CA ASN A 124 17.22 -9.80 -70.23
C ASN A 124 17.06 -11.14 -70.92
N GLY A 125 16.69 -12.17 -70.16
CA GLY A 125 16.48 -13.49 -70.70
C GLY A 125 15.42 -13.52 -71.78
N VAL A 126 14.24 -12.98 -71.45
CA VAL A 126 13.12 -12.96 -72.39
C VAL A 126 13.48 -12.26 -73.69
N LEU A 127 14.00 -11.04 -73.57
CA LEU A 127 14.34 -10.23 -74.74
C LEU A 127 15.43 -10.90 -75.57
N SER A 128 16.39 -11.55 -74.89
CA SER A 128 17.44 -12.27 -75.57
C SER A 128 16.87 -13.41 -76.40
N ALA A 129 15.93 -14.15 -75.82
CA ALA A 129 15.26 -15.23 -76.53
C ALA A 129 14.51 -14.70 -77.76
N ILE A 130 13.81 -13.59 -77.56
CA ILE A 130 13.08 -12.93 -78.64
C ILE A 130 13.99 -12.54 -79.80
N TYR A 131 15.13 -11.93 -79.48
CA TYR A 131 16.05 -11.47 -80.51
C TYR A 131 16.72 -12.66 -81.20
N LYS A 132 16.94 -13.74 -80.45
CA LYS A 132 17.49 -14.96 -81.03
C LYS A 132 16.50 -15.56 -82.01
N ALA A 133 15.22 -15.42 -81.71
CA ALA A 133 14.16 -15.89 -82.61
C ALA A 133 14.05 -14.99 -83.85
N TYR A 134 14.31 -13.70 -83.65
CA TYR A 134 14.18 -12.73 -84.73
C TYR A 134 15.32 -12.80 -85.74
N ILE A 135 16.56 -12.84 -85.25
CA ILE A 135 17.71 -12.78 -86.13
C ILE A 135 17.81 -13.97 -87.07
N THR A 136 17.33 -15.14 -86.63
CA THR A 136 17.44 -16.27 -87.54
C THR A 136 16.12 -16.60 -88.25
N SER A 137 15.90 -15.87 -89.34
CA SER A 137 14.94 -16.25 -90.37
C SER A 137 15.72 -16.73 -91.57
N SER A 138 17.04 -16.61 -91.47
CA SER A 138 17.93 -16.83 -92.60
C SER A 138 18.13 -18.30 -92.92
N TYR B 3 5.95 4.32 -40.29
CA TYR B 3 5.31 3.84 -41.51
C TYR B 3 4.28 4.85 -42.01
N ARG B 4 3.96 5.83 -41.16
CA ARG B 4 2.92 6.80 -41.47
C ARG B 4 3.34 7.83 -42.52
N LYS B 5 4.64 8.15 -42.55
CA LYS B 5 5.17 9.17 -43.44
C LYS B 5 4.92 8.85 -44.91
N GLY B 6 5.34 7.66 -45.32
CA GLY B 6 5.14 7.20 -46.69
C GLY B 6 3.67 7.17 -47.07
N ALA B 7 2.84 6.80 -46.10
CA ALA B 7 1.39 6.79 -46.29
C ALA B 7 0.89 8.21 -46.57
N ARG B 8 1.44 9.18 -45.86
CA ARG B 8 1.06 10.57 -46.04
C ARG B 8 1.51 11.10 -47.40
N ASP B 9 2.70 10.69 -47.83
CA ASP B 9 3.20 11.09 -49.15
C ASP B 9 2.30 10.53 -50.24
N THR B 10 1.99 9.24 -50.09
CA THR B 10 1.05 8.55 -50.96
C THR B 10 -0.26 9.32 -51.07
N ALA B 11 -0.94 9.47 -49.94
CA ALA B 11 -2.22 10.17 -49.87
C ALA B 11 -2.15 11.56 -50.51
N PHE B 12 -1.05 12.26 -50.25
CA PHE B 12 -0.86 13.59 -50.83
C PHE B 12 -0.84 13.52 -52.36
N LEU B 13 -0.03 12.61 -52.90
CA LEU B 13 0.04 12.44 -54.35
C LEU B 13 -1.31 12.07 -54.97
N VAL B 14 -2.04 11.19 -54.29
CA VAL B 14 -3.36 10.77 -54.74
C VAL B 14 -4.33 11.94 -54.78
N LEU B 15 -4.41 12.68 -53.68
CA LEU B 15 -5.29 13.85 -53.60
C LEU B 15 -4.93 14.88 -54.65
N TYR B 16 -3.63 15.07 -54.86
CA TYR B 16 -3.12 15.99 -55.86
C TYR B 16 -3.62 15.60 -57.25
N ARG B 17 -3.41 14.33 -57.62
CA ARG B 17 -3.85 13.86 -58.93
C ARG B 17 -5.37 13.89 -59.09
N TRP B 18 -6.09 13.75 -57.97
CA TRP B 18 -7.54 13.87 -57.99
C TRP B 18 -7.95 15.30 -58.31
N ASP B 19 -7.38 16.25 -57.59
CA ASP B 19 -7.71 17.66 -57.76
C ASP B 19 -7.24 18.18 -59.11
N LEU B 20 -6.25 17.49 -59.69
CA LEU B 20 -5.70 17.90 -60.97
C LEU B 20 -6.49 17.31 -62.13
N ARG B 21 -6.46 15.98 -62.25
CA ARG B 21 -7.11 15.29 -63.36
C ARG B 21 -8.64 15.29 -63.21
N GLY B 22 -9.14 14.90 -62.05
CA GLY B 22 -10.56 14.91 -61.79
C GLY B 22 -11.20 13.53 -61.94
N GLU B 23 -10.36 12.50 -62.04
CA GLU B 23 -10.85 11.14 -62.22
C GLU B 23 -11.21 10.50 -60.88
N ASN B 24 -11.51 9.21 -60.91
CA ASN B 24 -11.91 8.48 -59.71
C ASN B 24 -10.72 8.23 -58.77
N PRO B 25 -10.85 8.66 -57.51
CA PRO B 25 -9.81 8.56 -56.49
C PRO B 25 -9.25 7.15 -56.27
N GLY B 26 -10.09 6.14 -56.45
CA GLY B 26 -9.66 4.76 -56.25
C GLY B 26 -8.64 4.32 -57.28
N GLU B 27 -8.95 4.54 -58.55
CA GLU B 27 -8.04 4.20 -59.64
C GLU B 27 -6.72 4.95 -59.51
N LEU B 28 -6.82 6.24 -59.16
CA LEU B 28 -5.65 7.07 -58.94
C LEU B 28 -4.79 6.51 -57.82
N PHE B 29 -5.47 6.04 -56.76
CA PHE B 29 -4.80 5.42 -55.63
C PHE B 29 -4.03 4.18 -56.11
N LYS B 30 -4.68 3.37 -56.94
CA LYS B 30 -4.04 2.18 -57.50
C LYS B 30 -2.79 2.55 -58.29
N GLU B 31 -2.91 3.61 -59.09
CA GLU B 31 -1.80 4.11 -59.91
C GLU B 31 -0.61 4.54 -59.04
N VAL B 32 -0.87 5.40 -58.07
CA VAL B 32 0.17 5.91 -57.18
C VAL B 32 0.84 4.77 -56.41
N VAL B 33 0.03 3.84 -55.91
CA VAL B 33 0.55 2.67 -55.20
C VAL B 33 1.46 1.85 -56.11
N GLU B 34 1.04 1.67 -57.35
CA GLU B 34 1.83 0.92 -58.32
C GLU B 34 3.16 1.60 -58.63
N GLU B 35 3.13 2.92 -58.76
CA GLU B 35 4.32 3.68 -59.13
C GLU B 35 5.40 3.69 -58.04
N LYS B 36 5.00 3.93 -56.80
CA LYS B 36 5.96 4.03 -55.70
C LYS B 36 6.35 2.66 -55.12
N ASN B 37 5.73 1.61 -55.64
CA ASN B 37 5.99 0.24 -55.17
C ASN B 37 5.83 0.09 -53.66
N ILE B 38 4.59 0.19 -53.19
CA ILE B 38 4.32 0.03 -51.77
C ILE B 38 4.36 -1.44 -51.38
N LYS B 39 5.25 -1.77 -50.47
CA LYS B 39 5.43 -3.15 -50.02
C LYS B 39 4.63 -3.39 -48.74
N ASN B 40 5.00 -2.66 -47.69
CA ASN B 40 4.40 -2.80 -46.38
C ASN B 40 2.87 -2.66 -46.40
N LYS B 41 2.19 -3.51 -45.63
CA LYS B 41 0.75 -3.54 -45.59
C LYS B 41 0.18 -2.32 -44.87
N ASP B 42 0.77 -1.99 -43.72
CA ASP B 42 0.28 -0.90 -42.89
C ASP B 42 0.30 0.44 -43.61
N ALA B 43 1.34 0.66 -44.43
CA ALA B 43 1.43 1.89 -45.21
C ALA B 43 0.27 1.99 -46.20
N TYR B 44 0.02 0.89 -46.90
CA TYR B 44 -1.11 0.79 -47.82
C TYR B 44 -2.42 1.11 -47.13
N GLU B 45 -2.77 0.30 -46.12
CA GLU B 45 -3.99 0.48 -45.35
C GLU B 45 -4.15 1.92 -44.87
N TYR B 46 -3.11 2.43 -44.23
CA TYR B 46 -3.12 3.79 -43.70
C TYR B 46 -3.41 4.83 -44.77
N ALA B 47 -2.54 4.91 -45.78
CA ALA B 47 -2.73 5.84 -46.89
C ALA B 47 -4.13 5.76 -47.49
N LYS B 48 -4.65 4.54 -47.62
CA LYS B 48 -6.01 4.34 -48.13
C LYS B 48 -7.04 5.00 -47.22
N LYS B 49 -6.88 4.80 -45.91
CA LYS B 49 -7.77 5.40 -44.93
C LYS B 49 -7.72 6.92 -45.00
N LEU B 50 -6.51 7.46 -45.18
CA LEU B 50 -6.32 8.90 -45.32
C LEU B 50 -7.06 9.44 -46.52
N VAL B 51 -6.84 8.83 -47.68
CA VAL B 51 -7.49 9.26 -48.92
C VAL B 51 -9.01 9.18 -48.79
N ASP B 52 -9.52 8.08 -48.26
CA ASP B 52 -10.96 7.90 -48.09
C ASP B 52 -11.55 8.97 -47.18
N THR B 53 -10.91 9.17 -46.04
CA THR B 53 -11.34 10.16 -45.06
C THR B 53 -11.36 11.57 -45.67
N ALA B 54 -10.35 11.87 -46.48
CA ALA B 54 -10.26 13.16 -47.14
C ALA B 54 -11.36 13.34 -48.18
N VAL B 55 -11.63 12.29 -48.95
CA VAL B 55 -12.61 12.36 -50.02
C VAL B 55 -14.05 12.47 -49.49
N ARG B 56 -14.35 11.72 -48.43
CA ARG B 56 -15.69 11.78 -47.84
C ARG B 56 -16.04 13.16 -47.29
N HIS B 57 -15.11 13.74 -46.54
CA HIS B 57 -15.35 15.00 -45.84
C HIS B 57 -14.93 16.24 -46.63
N ILE B 58 -14.56 16.03 -47.89
CA ILE B 58 -13.88 17.05 -48.71
C ILE B 58 -14.44 18.48 -48.66
N GLU B 59 -15.76 18.62 -48.73
CA GLU B 59 -16.37 19.95 -48.75
C GLU B 59 -16.26 20.64 -47.40
N GLU B 60 -16.51 19.88 -46.33
CA GLU B 60 -16.37 20.41 -44.98
C GLU B 60 -14.93 20.82 -44.73
N ILE B 61 -14.00 19.98 -45.19
CA ILE B 61 -12.58 20.28 -45.09
C ILE B 61 -12.25 21.59 -45.80
N ASP B 62 -12.75 21.73 -47.02
CA ASP B 62 -12.54 22.95 -47.81
C ASP B 62 -13.08 24.18 -47.10
N SER B 63 -14.20 24.02 -46.42
CA SER B 63 -14.79 25.13 -45.66
C SER B 63 -13.89 25.52 -44.50
N ILE B 64 -13.49 24.52 -43.71
CA ILE B 64 -12.61 24.73 -42.57
C ILE B 64 -11.31 25.42 -42.98
N ILE B 65 -10.72 24.97 -44.08
CA ILE B 65 -9.50 25.57 -44.59
C ILE B 65 -9.74 27.00 -45.05
N GLU B 66 -10.81 27.20 -45.83
CA GLU B 66 -11.10 28.50 -46.40
C GLU B 66 -11.37 29.56 -45.33
N LYS B 67 -11.92 29.14 -44.20
CA LYS B 67 -12.18 30.06 -43.09
C LYS B 67 -10.89 30.70 -42.57
N HIS B 68 -9.79 29.94 -42.58
CA HIS B 68 -8.51 30.43 -42.06
C HIS B 68 -7.57 30.97 -43.14
N LEU B 69 -8.05 31.01 -44.38
CA LEU B 69 -7.27 31.53 -45.50
C LEU B 69 -7.12 33.04 -45.49
N LYS B 70 -7.77 33.69 -44.52
CA LYS B 70 -7.76 35.14 -44.38
C LYS B 70 -8.45 35.87 -45.53
N GLY B 71 -9.51 35.27 -46.07
CA GLY B 71 -10.33 35.92 -47.07
C GLY B 71 -10.16 35.38 -48.48
N TRP B 72 -9.17 34.53 -48.69
CA TRP B 72 -8.90 33.97 -50.00
C TRP B 72 -9.91 32.89 -50.38
N SER B 73 -10.08 32.70 -51.68
CA SER B 73 -10.87 31.58 -52.19
C SER B 73 -9.96 30.37 -52.26
N ILE B 74 -10.46 29.23 -51.79
CA ILE B 74 -9.64 28.01 -51.72
C ILE B 74 -9.24 27.52 -53.11
N ASP B 75 -10.02 27.89 -54.12
CA ASP B 75 -9.74 27.50 -55.50
C ASP B 75 -8.51 28.23 -56.04
N ARG B 76 -8.13 29.32 -55.38
CA ARG B 76 -7.02 30.14 -55.83
C ARG B 76 -5.67 29.73 -55.22
N LEU B 77 -5.69 28.75 -54.33
CA LEU B 77 -4.45 28.23 -53.77
C LEU B 77 -3.75 27.33 -54.78
N GLY B 78 -2.44 27.18 -54.63
CA GLY B 78 -1.69 26.24 -55.44
C GLY B 78 -2.15 24.83 -55.09
N TYR B 79 -2.11 23.93 -56.06
CA TYR B 79 -2.53 22.55 -55.85
C TYR B 79 -1.81 21.91 -54.67
N VAL B 80 -0.51 22.18 -54.56
CA VAL B 80 0.30 21.64 -53.48
C VAL B 80 -0.18 22.10 -52.11
N GLU B 81 -0.28 23.41 -51.94
CA GLU B 81 -0.71 23.99 -50.66
C GLU B 81 -2.13 23.54 -50.31
N ARG B 82 -3.03 23.65 -51.28
CA ARG B 82 -4.42 23.30 -51.08
C ARG B 82 -4.60 21.84 -50.67
N ASN B 83 -4.02 20.93 -51.44
CA ASN B 83 -4.17 19.50 -51.15
C ASN B 83 -3.44 19.05 -49.88
N ALA B 84 -2.28 19.65 -49.61
CA ALA B 84 -1.56 19.33 -48.38
C ALA B 84 -2.39 19.78 -47.18
N LEU B 85 -3.00 20.96 -47.29
CA LEU B 85 -3.89 21.45 -46.26
C LEU B 85 -5.09 20.52 -46.10
N ARG B 86 -5.62 20.05 -47.21
CA ARG B 86 -6.72 19.09 -47.20
C ARG B 86 -6.36 17.85 -46.40
N LEU B 87 -5.24 17.23 -46.74
CA LEU B 87 -4.77 16.03 -46.05
C LEU B 87 -4.55 16.30 -44.56
N GLY B 88 -3.88 17.40 -44.27
CA GLY B 88 -3.56 17.79 -42.91
C GLY B 88 -4.81 17.92 -42.05
N VAL B 89 -5.79 18.66 -42.56
CA VAL B 89 -7.05 18.84 -41.87
C VAL B 89 -7.79 17.51 -41.71
N ALA B 90 -7.73 16.68 -42.74
CA ALA B 90 -8.37 15.36 -42.71
C ALA B 90 -7.84 14.54 -41.55
N GLU B 91 -6.53 14.33 -41.51
CA GLU B 91 -5.93 13.50 -40.45
C GLU B 91 -6.06 14.14 -39.06
N LEU B 92 -5.73 15.42 -38.95
CA LEU B 92 -5.73 16.11 -37.67
C LEU B 92 -7.13 16.19 -37.04
N ILE B 93 -8.12 16.51 -37.86
CA ILE B 93 -9.48 16.69 -37.35
C ILE B 93 -10.33 15.41 -37.45
N PHE B 94 -10.56 14.94 -38.67
CA PHE B 94 -11.52 13.86 -38.88
C PHE B 94 -11.01 12.48 -38.45
N LEU B 95 -9.69 12.29 -38.47
CA LEU B 95 -9.12 11.06 -37.93
C LEU B 95 -8.64 11.25 -36.49
N LYS B 96 -8.74 12.49 -36.01
CA LYS B 96 -8.37 12.84 -34.63
C LYS B 96 -7.00 12.31 -34.22
N SER B 97 -5.99 12.60 -35.03
CA SER B 97 -4.64 12.08 -34.80
C SER B 97 -4.10 12.42 -33.42
N LYS B 98 -3.55 11.41 -32.75
CA LYS B 98 -3.00 11.58 -31.40
C LYS B 98 -1.57 12.08 -31.45
N GLU B 99 -1.06 12.26 -32.67
CA GLU B 99 0.29 12.77 -32.88
C GLU B 99 0.28 13.98 -33.80
N PRO B 100 -0.32 15.09 -33.34
CA PRO B 100 -0.52 16.26 -34.20
C PRO B 100 0.80 16.89 -34.66
N GLY B 101 1.75 17.02 -33.75
CA GLY B 101 3.04 17.59 -34.09
C GLY B 101 3.70 16.88 -35.25
N ARG B 102 3.65 15.55 -35.23
CA ARG B 102 4.25 14.74 -36.28
C ARG B 102 3.53 14.93 -37.61
N VAL B 103 2.21 15.08 -37.54
CA VAL B 103 1.40 15.37 -38.73
C VAL B 103 1.83 16.70 -39.35
N PHE B 104 1.98 17.72 -38.50
CA PHE B 104 2.48 19.02 -38.93
C PHE B 104 3.83 18.86 -39.63
N ILE B 105 4.71 18.11 -38.99
CA ILE B 105 6.04 17.83 -39.53
C ILE B 105 5.95 17.26 -40.95
N ASP B 106 5.35 16.08 -41.07
CA ASP B 106 5.21 15.39 -42.35
C ASP B 106 4.58 16.27 -43.43
N ILE B 107 3.47 16.92 -43.09
CA ILE B 107 2.75 17.77 -44.04
C ILE B 107 3.63 18.92 -44.55
N VAL B 108 4.18 19.69 -43.62
CA VAL B 108 5.03 20.83 -43.98
C VAL B 108 6.23 20.37 -44.81
N ASP B 109 6.80 19.23 -44.45
CA ASP B 109 7.91 18.65 -45.21
C ASP B 109 7.48 18.33 -46.64
N LEU B 110 6.29 17.76 -46.78
CA LEU B 110 5.73 17.47 -48.10
C LEU B 110 5.57 18.74 -48.91
N VAL B 111 5.15 19.82 -48.24
CA VAL B 111 5.00 21.11 -48.92
C VAL B 111 6.35 21.63 -49.40
N LYS B 112 7.37 21.46 -48.56
CA LYS B 112 8.71 21.90 -48.89
C LYS B 112 9.37 21.06 -49.97
N LYS B 113 8.88 19.83 -50.15
CA LYS B 113 9.40 18.95 -51.19
C LYS B 113 8.90 19.33 -52.58
N TYR B 114 7.58 19.48 -52.71
CA TYR B 114 6.95 19.71 -54.01
C TYR B 114 6.75 21.18 -54.31
N ALA B 115 7.15 22.04 -53.38
CA ALA B 115 7.14 23.47 -53.58
C ALA B 115 8.19 24.12 -52.69
N ASP B 116 8.35 25.43 -52.79
CA ASP B 116 9.34 26.13 -51.99
C ASP B 116 8.93 26.21 -50.51
N GLU B 117 9.92 26.43 -49.66
CA GLU B 117 9.69 26.54 -48.21
C GLU B 117 8.79 27.74 -47.90
N LYS B 118 8.78 28.69 -48.82
CA LYS B 118 7.91 29.86 -48.75
C LYS B 118 6.45 29.44 -48.61
N ALA B 119 6.07 28.38 -49.31
CA ALA B 119 4.73 27.81 -49.18
C ALA B 119 4.65 26.97 -47.91
N GLY B 120 5.79 26.43 -47.49
CA GLY B 120 5.87 25.60 -46.30
C GLY B 120 5.45 26.32 -45.03
N LYS B 121 6.05 27.49 -44.79
CA LYS B 121 5.70 28.28 -43.62
C LYS B 121 4.24 28.73 -43.65
N PHE B 122 3.75 29.00 -44.86
CA PHE B 122 2.36 29.41 -45.06
C PHE B 122 1.40 28.30 -44.64
N VAL B 123 1.61 27.11 -45.19
CA VAL B 123 0.80 25.94 -44.86
C VAL B 123 0.91 25.63 -43.37
N ASN B 124 2.09 25.79 -42.81
CA ASN B 124 2.30 25.61 -41.38
C ASN B 124 1.44 26.57 -40.56
N GLY B 125 1.38 27.82 -41.02
CA GLY B 125 0.61 28.84 -40.34
C GLY B 125 -0.88 28.58 -40.39
N VAL B 126 -1.39 28.32 -41.60
CA VAL B 126 -2.80 28.00 -41.79
C VAL B 126 -3.21 26.78 -40.98
N LEU B 127 -2.36 25.75 -41.00
CA LEU B 127 -2.62 24.52 -40.26
C LEU B 127 -2.65 24.79 -38.76
N SER B 128 -1.72 25.63 -38.30
CA SER B 128 -1.66 26.00 -36.89
C SER B 128 -2.93 26.71 -36.46
N ALA B 129 -3.40 27.64 -37.29
CA ALA B 129 -4.62 28.39 -37.00
C ALA B 129 -5.82 27.46 -36.94
N ILE B 130 -5.95 26.61 -37.95
CA ILE B 130 -7.02 25.63 -38.02
C ILE B 130 -7.07 24.73 -36.80
N TYR B 131 -5.91 24.23 -36.40
CA TYR B 131 -5.83 23.32 -35.26
C TYR B 131 -6.15 24.04 -33.95
N LYS B 132 -5.62 25.25 -33.79
CA LYS B 132 -5.90 26.06 -32.61
C LYS B 132 -7.39 26.35 -32.50
N ALA B 133 -8.05 26.50 -33.64
CA ALA B 133 -9.50 26.71 -33.66
C ALA B 133 -10.23 25.43 -33.32
N TYR B 134 -9.68 24.30 -33.77
CA TYR B 134 -10.28 23.00 -33.53
C TYR B 134 -10.23 22.60 -32.06
N ILE B 135 -9.18 23.02 -31.38
CA ILE B 135 -9.02 22.72 -29.96
C ILE B 135 -10.15 23.33 -29.12
N THR B 136 -10.51 24.57 -29.44
CA THR B 136 -11.55 25.28 -28.70
C THR B 136 -12.94 25.09 -29.30
N SER B 137 -13.04 24.26 -30.33
CA SER B 137 -14.31 24.01 -30.99
C SER B 137 -15.32 23.31 -30.09
N SER B 138 -14.91 22.18 -29.53
CA SER B 138 -15.78 21.37 -28.67
C SER B 138 -15.61 21.71 -27.20
N MET C 1 24.83 2.81 3.54
CA MET C 1 23.54 2.46 2.96
C MET C 1 22.45 2.28 4.01
N ARG C 2 21.80 1.11 3.98
CA ARG C 2 20.63 0.85 4.83
C ARG C 2 20.96 0.41 6.27
N TYR C 3 22.09 -0.24 6.46
CA TYR C 3 22.47 -0.80 7.76
C TYR C 3 22.58 0.23 8.88
N ARG C 4 22.67 1.50 8.48
CA ARG C 4 22.88 2.61 9.39
C ARG C 4 21.82 2.71 10.49
N LYS C 5 20.55 2.59 10.11
CA LYS C 5 19.46 2.68 11.08
C LYS C 5 19.57 1.62 12.17
N GLY C 6 19.76 0.38 11.75
CA GLY C 6 19.91 -0.73 12.68
C GLY C 6 21.12 -0.53 13.59
N ALA C 7 22.22 -0.08 13.00
CA ALA C 7 23.42 0.22 13.78
C ALA C 7 23.12 1.26 14.86
N ARG C 8 22.36 2.28 14.49
CA ARG C 8 22.02 3.36 15.43
C ARG C 8 21.12 2.86 16.54
N ASP C 9 20.18 1.98 16.20
CA ASP C 9 19.31 1.36 17.20
C ASP C 9 20.14 0.57 18.21
N THR C 10 21.00 -0.30 17.70
CA THR C 10 21.87 -1.12 18.54
C THR C 10 22.70 -0.25 19.47
N ALA C 11 23.34 0.76 18.88
CA ALA C 11 24.19 1.68 19.64
C ALA C 11 23.39 2.37 20.75
N PHE C 12 22.17 2.78 20.42
CA PHE C 12 21.32 3.44 21.40
C PHE C 12 20.98 2.50 22.56
N LEU C 13 20.65 1.25 22.26
CA LEU C 13 20.40 0.28 23.32
C LEU C 13 21.62 0.14 24.21
N VAL C 14 22.79 -0.03 23.59
CA VAL C 14 24.03 -0.20 24.33
C VAL C 14 24.31 0.99 25.26
N LEU C 15 24.11 2.20 24.76
CA LEU C 15 24.36 3.39 25.58
C LEU C 15 23.34 3.54 26.70
N TYR C 16 22.08 3.30 26.38
CA TYR C 16 20.98 3.35 27.36
C TYR C 16 21.25 2.41 28.53
N ARG C 17 21.63 1.18 28.21
CA ARG C 17 21.91 0.20 29.26
C ARG C 17 23.22 0.47 29.97
N TRP C 18 24.19 1.05 29.25
CA TRP C 18 25.47 1.42 29.84
C TRP C 18 25.26 2.48 30.91
N ASP C 19 24.39 3.44 30.63
CA ASP C 19 24.11 4.50 31.58
C ASP C 19 23.24 3.98 32.72
N LEU C 20 22.21 3.23 32.37
CA LEU C 20 21.27 2.72 33.36
C LEU C 20 21.82 1.60 34.25
N ARG C 21 22.34 0.55 33.62
CA ARG C 21 22.77 -0.64 34.35
C ARG C 21 24.23 -0.59 34.80
N GLY C 22 24.99 0.36 34.28
CA GLY C 22 26.40 0.51 34.64
C GLY C 22 27.28 -0.66 34.23
N GLU C 23 26.73 -1.59 33.44
CA GLU C 23 27.49 -2.75 32.97
C GLU C 23 28.49 -2.38 31.89
N ASN C 24 29.48 -3.24 31.68
CA ASN C 24 30.50 -3.03 30.66
C ASN C 24 29.91 -2.91 29.25
N PRO C 25 30.33 -1.88 28.50
CA PRO C 25 29.87 -1.58 27.14
C PRO C 25 30.01 -2.75 26.18
N GLY C 26 31.13 -3.45 26.23
CA GLY C 26 31.36 -4.59 25.36
C GLY C 26 30.42 -5.74 25.65
N GLU C 27 30.23 -6.03 26.94
CA GLU C 27 29.33 -7.09 27.37
C GLU C 27 27.89 -6.79 26.96
N LEU C 28 27.47 -5.54 27.18
CA LEU C 28 26.13 -5.11 26.79
C LEU C 28 25.98 -5.15 25.27
N PHE C 29 27.07 -4.88 24.56
CA PHE C 29 27.07 -4.96 23.11
C PHE C 29 26.80 -6.40 22.69
N LYS C 30 27.50 -7.34 23.33
CA LYS C 30 27.27 -8.76 23.09
C LYS C 30 25.82 -9.13 23.35
N GLU C 31 25.29 -8.64 24.47
CA GLU C 31 23.90 -8.91 24.85
C GLU C 31 22.92 -8.44 23.78
N VAL C 32 23.03 -7.17 23.41
CA VAL C 32 22.13 -6.56 22.44
C VAL C 32 22.22 -7.25 21.09
N VAL C 33 23.44 -7.51 20.62
CA VAL C 33 23.66 -8.19 19.37
C VAL C 33 23.05 -9.60 19.36
N GLU C 34 23.25 -10.33 20.46
CA GLU C 34 22.72 -11.69 20.56
C GLU C 34 21.20 -11.72 20.62
N GLU C 35 20.61 -10.79 21.38
CA GLU C 35 19.16 -10.78 21.57
C GLU C 35 18.42 -10.22 20.36
N LYS C 36 19.07 -9.36 19.61
CA LYS C 36 18.46 -8.80 18.40
C LYS C 36 18.65 -9.73 17.21
N ASN C 37 19.45 -10.78 17.41
CA ASN C 37 19.81 -11.72 16.34
C ASN C 37 20.47 -11.01 15.16
N ILE C 38 21.43 -10.15 15.47
CA ILE C 38 22.16 -9.43 14.44
C ILE C 38 23.20 -10.35 13.79
N LYS C 39 23.23 -10.32 12.45
CA LYS C 39 24.11 -11.19 11.68
C LYS C 39 24.96 -10.40 10.69
N ASN C 40 24.30 -9.66 9.80
CA ASN C 40 24.97 -8.90 8.75
C ASN C 40 26.13 -8.06 9.27
N LYS C 41 27.27 -8.17 8.60
CA LYS C 41 28.53 -7.61 9.08
C LYS C 41 28.54 -6.09 9.20
N ASP C 42 28.02 -5.41 8.18
CA ASP C 42 28.04 -3.95 8.14
C ASP C 42 27.35 -3.33 9.35
N ALA C 43 26.18 -3.86 9.69
CA ALA C 43 25.42 -3.38 10.84
C ALA C 43 26.19 -3.62 12.14
N TYR C 44 26.78 -4.79 12.25
CA TYR C 44 27.56 -5.17 13.43
C TYR C 44 28.74 -4.23 13.66
N GLU C 45 29.56 -4.07 12.63
CA GLU C 45 30.76 -3.25 12.72
C GLU C 45 30.43 -1.76 12.89
N TYR C 46 29.37 -1.31 12.22
CA TYR C 46 28.95 0.08 12.33
C TYR C 46 28.43 0.36 13.73
N ALA C 47 27.67 -0.57 14.28
CA ALA C 47 27.17 -0.44 15.64
C ALA C 47 28.33 -0.41 16.62
N LYS C 48 29.31 -1.28 16.40
CA LYS C 48 30.49 -1.32 17.25
C LYS C 48 31.27 0.00 17.20
N LYS C 49 31.40 0.56 16.00
CA LYS C 49 32.11 1.83 15.84
C LYS C 49 31.36 2.98 16.50
N LEU C 50 30.04 2.95 16.39
CA LEU C 50 29.19 3.94 17.05
C LEU C 50 29.33 3.88 18.56
N VAL C 51 29.24 2.67 19.11
CA VAL C 51 29.38 2.48 20.55
C VAL C 51 30.76 2.90 21.04
N ASP C 52 31.80 2.51 20.31
CA ASP C 52 33.17 2.86 20.68
C ASP C 52 33.42 4.36 20.62
N THR C 53 32.86 5.00 19.60
CA THR C 53 33.00 6.45 19.43
C THR C 53 32.16 7.20 20.46
N ALA C 54 31.17 6.51 21.01
CA ALA C 54 30.34 7.08 22.08
C ALA C 54 31.00 6.97 23.45
N VAL C 55 31.63 5.82 23.72
CA VAL C 55 32.26 5.56 25.01
C VAL C 55 33.54 6.37 25.15
N ARG C 56 34.51 6.10 24.28
CA ARG C 56 35.61 7.03 24.11
C ARG C 56 34.97 8.35 23.67
N HIS C 57 35.46 9.46 24.21
CA HIS C 57 34.92 10.81 23.97
C HIS C 57 33.66 11.16 24.78
N ILE C 58 33.17 10.21 25.58
CA ILE C 58 31.92 10.39 26.34
C ILE C 58 31.81 11.70 27.13
N GLU C 59 32.90 12.10 27.79
CA GLU C 59 32.88 13.29 28.64
C GLU C 59 32.86 14.56 27.79
N GLU C 60 33.60 14.54 26.69
CA GLU C 60 33.61 15.64 25.75
C GLU C 60 32.19 15.88 25.23
N ILE C 61 31.54 14.79 24.84
CA ILE C 61 30.16 14.83 24.37
C ILE C 61 29.24 15.40 25.45
N ASP C 62 29.33 14.84 26.65
CA ASP C 62 28.54 15.31 27.79
C ASP C 62 28.67 16.81 27.98
N SER C 63 29.90 17.32 27.87
CA SER C 63 30.13 18.75 27.99
C SER C 63 29.42 19.50 26.86
N ILE C 64 29.58 19.00 25.64
CA ILE C 64 28.97 19.60 24.47
C ILE C 64 27.45 19.76 24.61
N ILE C 65 26.78 18.69 24.99
CA ILE C 65 25.33 18.76 25.18
C ILE C 65 24.95 19.58 26.41
N GLU C 66 25.82 19.58 27.41
CA GLU C 66 25.54 20.31 28.65
C GLU C 66 25.67 21.81 28.43
N LYS C 67 26.37 22.20 27.36
CA LYS C 67 26.48 23.60 27.00
C LYS C 67 25.14 24.16 26.51
N HIS C 68 24.36 23.32 25.86
CA HIS C 68 23.10 23.76 25.25
C HIS C 68 21.88 23.53 26.14
N LEU C 69 22.12 23.05 27.36
CA LEU C 69 21.02 22.80 28.30
C LEU C 69 20.75 24.04 29.15
N LYS C 70 21.46 25.13 28.84
CA LYS C 70 21.29 26.41 29.53
C LYS C 70 21.56 26.31 31.02
N GLY C 71 22.69 25.72 31.37
CA GLY C 71 23.13 25.62 32.75
C GLY C 71 22.59 24.39 33.45
N TRP C 72 21.73 23.64 32.77
CA TRP C 72 21.12 22.47 33.38
C TRP C 72 22.04 21.26 33.31
N SER C 73 22.25 20.62 34.45
CA SER C 73 23.06 19.42 34.52
C SER C 73 22.41 18.29 33.73
N ILE C 74 23.23 17.48 33.07
CA ILE C 74 22.72 16.49 32.13
C ILE C 74 21.91 15.36 32.78
N ASP C 75 22.11 15.16 34.07
CA ASP C 75 21.36 14.13 34.79
C ASP C 75 19.90 14.53 35.00
N ARG C 76 19.57 15.77 34.64
CA ARG C 76 18.21 16.27 34.79
C ARG C 76 17.31 15.89 33.62
N LEU C 77 17.90 15.21 32.63
CA LEU C 77 17.13 14.74 31.48
C LEU C 77 16.73 13.29 31.68
N GLY C 78 15.98 12.75 30.73
CA GLY C 78 15.59 11.36 30.78
C GLY C 78 16.72 10.50 30.23
N TYR C 79 16.70 9.21 30.56
CA TYR C 79 17.71 8.27 30.07
C TYR C 79 17.71 8.23 28.55
N VAL C 80 16.53 8.05 27.98
CA VAL C 80 16.36 8.02 26.53
C VAL C 80 16.87 9.30 25.88
N GLU C 81 16.38 10.44 26.36
CA GLU C 81 16.77 11.74 25.83
C GLU C 81 18.28 11.92 25.88
N ARG C 82 18.84 11.77 27.08
CA ARG C 82 20.27 11.90 27.31
C ARG C 82 21.10 11.02 26.36
N ASN C 83 20.94 9.70 26.49
CA ASN C 83 21.73 8.77 25.68
C ASN C 83 21.56 8.94 24.18
N ALA C 84 20.34 9.22 23.73
CA ALA C 84 20.10 9.47 22.31
C ALA C 84 20.83 10.73 21.86
N LEU C 85 20.85 11.75 22.72
CA LEU C 85 21.60 12.97 22.42
C LEU C 85 23.09 12.68 22.35
N ARG C 86 23.58 11.78 23.21
CA ARG C 86 24.97 11.38 23.20
C ARG C 86 25.35 10.71 21.89
N LEU C 87 24.54 9.74 21.48
CA LEU C 87 24.76 9.04 20.22
C LEU C 87 24.70 9.99 19.04
N GLY C 88 23.71 10.89 19.07
CA GLY C 88 23.53 11.87 18.02
C GLY C 88 24.73 12.79 17.87
N VAL C 89 25.24 13.29 18.99
CA VAL C 89 26.42 14.14 18.99
C VAL C 89 27.64 13.37 18.48
N ALA C 90 27.79 12.13 18.95
CA ALA C 90 28.90 11.28 18.52
C ALA C 90 28.93 11.12 17.01
N GLU C 91 27.80 10.69 16.43
CA GLU C 91 27.69 10.48 15.00
C GLU C 91 27.83 11.75 14.17
N LEU C 92 27.09 12.78 14.56
CA LEU C 92 27.07 14.04 13.81
C LEU C 92 28.43 14.73 13.82
N ILE C 93 29.03 14.84 15.00
CA ILE C 93 30.28 15.57 15.16
C ILE C 93 31.51 14.68 15.00
N PHE C 94 31.68 13.73 15.92
CA PHE C 94 32.92 12.99 16.02
C PHE C 94 33.23 12.08 14.83
N LEU C 95 32.18 11.53 14.22
CA LEU C 95 32.37 10.74 13.01
C LEU C 95 32.10 11.57 11.75
N LYS C 96 31.67 12.82 11.96
CA LYS C 96 31.34 13.74 10.87
C LYS C 96 30.46 13.11 9.79
N SER C 97 29.20 12.84 10.13
CA SER C 97 28.27 12.21 9.21
C SER C 97 28.01 13.08 7.99
N LYS C 98 28.07 12.47 6.81
CA LYS C 98 27.83 13.18 5.56
C LYS C 98 26.33 13.24 5.26
N GLU C 99 25.55 12.65 6.17
CA GLU C 99 24.10 12.61 6.05
C GLU C 99 23.45 13.10 7.34
N PRO C 100 23.65 14.39 7.68
CA PRO C 100 23.22 14.92 8.97
C PRO C 100 21.71 14.80 9.17
N GLY C 101 20.94 15.21 8.16
CA GLY C 101 19.50 15.19 8.23
C GLY C 101 18.98 13.79 8.46
N ARG C 102 19.61 12.82 7.81
CA ARG C 102 19.24 11.42 7.96
C ARG C 102 19.42 10.98 9.40
N VAL C 103 20.57 11.32 9.97
CA VAL C 103 20.87 11.03 11.36
C VAL C 103 19.83 11.66 12.27
N PHE C 104 19.45 12.90 11.98
CA PHE C 104 18.40 13.57 12.73
C PHE C 104 17.09 12.78 12.70
N ILE C 105 16.64 12.43 11.51
CA ILE C 105 15.41 11.66 11.33
C ILE C 105 15.44 10.36 12.14
N ASP C 106 16.51 9.59 12.00
CA ASP C 106 16.60 8.30 12.67
C ASP C 106 16.65 8.44 14.20
N ILE C 107 17.47 9.37 14.67
CA ILE C 107 17.61 9.61 16.11
C ILE C 107 16.28 10.03 16.72
N VAL C 108 15.66 11.06 16.14
CA VAL C 108 14.36 11.53 16.62
C VAL C 108 13.33 10.40 16.59
N ASP C 109 13.37 9.58 15.55
CA ASP C 109 12.51 8.40 15.47
C ASP C 109 12.72 7.47 16.68
N LEU C 110 13.99 7.21 17.00
CA LEU C 110 14.32 6.37 18.15
C LEU C 110 13.81 6.98 19.45
N VAL C 111 13.92 8.30 19.57
CA VAL C 111 13.46 8.98 20.77
C VAL C 111 11.94 8.87 20.92
N LYS C 112 11.22 9.10 19.83
CA LYS C 112 9.76 8.95 19.86
C LYS C 112 9.39 7.53 20.24
N LYS C 113 10.07 6.58 19.62
CA LYS C 113 9.80 5.16 19.82
C LYS C 113 10.00 4.71 21.27
N TYR C 114 11.17 5.01 21.83
CA TYR C 114 11.49 4.52 23.17
C TYR C 114 10.93 5.38 24.30
N ALA C 115 10.55 6.62 24.01
CA ALA C 115 9.96 7.47 25.04
C ALA C 115 8.57 7.99 24.68
N ASP C 116 8.53 9.01 23.82
CA ASP C 116 7.28 9.67 23.42
C ASP C 116 7.54 10.83 22.46
N GLU C 117 6.46 11.44 21.99
CA GLU C 117 6.53 12.55 21.03
C GLU C 117 7.30 13.76 21.55
N LYS C 118 6.92 14.23 22.74
CA LYS C 118 7.53 15.42 23.34
C LYS C 118 9.04 15.27 23.53
N ALA C 119 9.45 14.07 23.95
CA ALA C 119 10.87 13.79 24.10
C ALA C 119 11.56 13.91 22.74
N GLY C 120 10.86 13.48 21.69
CA GLY C 120 11.35 13.58 20.33
C GLY C 120 11.55 15.02 19.92
N LYS C 121 10.57 15.87 20.22
CA LYS C 121 10.68 17.28 19.90
C LYS C 121 11.82 17.95 20.65
N PHE C 122 11.94 17.61 21.94
CA PHE C 122 13.02 18.11 22.79
C PHE C 122 14.40 17.76 22.22
N VAL C 123 14.62 16.46 22.00
CA VAL C 123 15.88 15.97 21.44
C VAL C 123 16.16 16.61 20.09
N ASN C 124 15.12 16.76 19.28
CA ASN C 124 15.24 17.41 17.99
C ASN C 124 15.76 18.83 18.12
N GLY C 125 15.12 19.63 18.97
CA GLY C 125 15.52 20.99 19.20
C GLY C 125 16.95 21.11 19.70
N VAL C 126 17.26 20.38 20.76
CA VAL C 126 18.60 20.40 21.35
C VAL C 126 19.68 20.03 20.34
N LEU C 127 19.50 18.90 19.68
CA LEU C 127 20.48 18.40 18.72
C LEU C 127 20.62 19.36 17.54
N SER C 128 19.52 19.97 17.12
CA SER C 128 19.54 20.94 16.04
C SER C 128 20.39 22.15 16.44
N ALA C 129 20.20 22.62 17.67
CA ALA C 129 21.00 23.73 18.18
C ALA C 129 22.48 23.37 18.21
N ILE C 130 22.77 22.17 18.70
CA ILE C 130 24.15 21.66 18.75
C ILE C 130 24.80 21.64 17.37
N TYR C 131 24.08 21.12 16.38
CA TYR C 131 24.63 21.03 15.03
C TYR C 131 24.80 22.39 14.40
N LYS C 132 23.89 23.31 14.74
CA LYS C 132 23.99 24.69 14.26
C LYS C 132 25.24 25.35 14.85
N ALA C 133 25.57 24.99 16.08
CA ALA C 133 26.77 25.50 16.72
C ALA C 133 28.02 24.86 16.12
N TYR C 134 27.90 23.61 15.71
CA TYR C 134 29.04 22.88 15.16
C TYR C 134 29.42 23.29 13.74
N ILE C 135 28.43 23.39 12.86
CA ILE C 135 28.70 23.65 11.45
C ILE C 135 29.35 25.01 11.20
N THR C 136 28.96 25.99 12.00
CA THR C 136 29.54 27.33 11.94
C THR C 136 30.66 27.50 12.96
N SER C 137 31.16 26.39 13.48
CA SER C 137 32.35 26.45 14.33
C SER C 137 33.60 26.52 13.45
N SER C 138 33.39 26.48 12.14
CA SER C 138 34.48 26.58 11.18
C SER C 138 34.13 27.54 10.06
N TYR D 3 -4.33 -3.95 37.63
CA TYR D 3 -3.03 -3.31 37.78
C TYR D 3 -1.99 -4.32 38.27
N ARG D 4 -2.46 -5.47 38.71
CA ARG D 4 -1.59 -6.49 39.29
C ARG D 4 -0.72 -7.21 38.26
N LYS D 5 -1.24 -7.36 37.04
CA LYS D 5 -0.56 -8.10 35.98
C LYS D 5 0.81 -7.50 35.66
N GLY D 6 0.83 -6.20 35.37
CA GLY D 6 2.07 -5.51 35.06
C GLY D 6 3.05 -5.58 36.21
N ALA D 7 2.53 -5.54 37.42
CA ALA D 7 3.35 -5.67 38.61
C ALA D 7 4.01 -7.05 38.66
N ARG D 8 3.25 -8.07 38.27
CA ARG D 8 3.77 -9.43 38.24
C ARG D 8 4.84 -9.61 37.16
N ASP D 9 4.63 -8.98 36.01
CA ASP D 9 5.62 -9.02 34.93
C ASP D 9 6.91 -8.35 35.39
N THR D 10 6.76 -7.18 36.00
CA THR D 10 7.86 -6.45 36.60
C THR D 10 8.65 -7.34 37.56
N ALA D 11 7.97 -7.81 38.60
CA ALA D 11 8.58 -8.67 39.61
C ALA D 11 9.28 -9.87 38.99
N PHE D 12 8.66 -10.48 37.98
CA PHE D 12 9.27 -11.61 37.30
C PHE D 12 10.59 -11.22 36.65
N LEU D 13 10.59 -10.12 35.90
CA LEU D 13 11.82 -9.64 35.25
C LEU D 13 12.91 -9.33 36.27
N VAL D 14 12.52 -8.72 37.38
CA VAL D 14 13.47 -8.38 38.44
C VAL D 14 14.10 -9.62 39.05
N LEU D 15 13.27 -10.59 39.42
CA LEU D 15 13.74 -11.84 39.99
C LEU D 15 14.64 -12.59 39.02
N TYR D 16 14.26 -12.56 37.74
CA TYR D 16 15.04 -13.17 36.68
C TYR D 16 16.43 -12.57 36.61
N ARG D 17 16.50 -11.24 36.54
CA ARG D 17 17.79 -10.57 36.48
C ARG D 17 18.62 -10.76 37.75
N TRP D 18 17.95 -10.95 38.88
CA TRP D 18 18.63 -11.25 40.13
C TRP D 18 19.28 -12.62 40.06
N ASP D 19 18.51 -13.62 39.67
CA ASP D 19 19.00 -14.99 39.60
C ASP D 19 20.04 -15.14 38.50
N LEU D 20 20.02 -14.24 37.53
CA LEU D 20 20.96 -14.29 36.41
C LEU D 20 22.26 -13.58 36.76
N ARG D 21 22.18 -12.26 36.94
CA ARG D 21 23.37 -11.45 37.21
C ARG D 21 23.93 -11.67 38.60
N GLY D 22 23.07 -11.60 39.62
CA GLY D 22 23.48 -11.84 40.99
C GLY D 22 23.72 -10.56 41.78
N GLU D 23 23.31 -9.44 41.20
CA GLU D 23 23.50 -8.14 41.84
C GLU D 23 22.40 -7.84 42.86
N ASN D 24 22.39 -6.61 43.37
CA ASN D 24 21.41 -6.21 44.37
C ASN D 24 20.03 -6.02 43.78
N PRO D 25 19.02 -6.71 44.33
CA PRO D 25 17.63 -6.70 43.86
C PRO D 25 17.00 -5.31 43.76
N GLY D 26 17.41 -4.39 44.63
CA GLY D 26 16.86 -3.04 44.62
C GLY D 26 17.25 -2.27 43.36
N GLU D 27 18.54 -2.26 43.07
CA GLU D 27 19.05 -1.59 41.88
C GLU D 27 18.43 -2.17 40.62
N LEU D 28 18.35 -3.50 40.58
CA LEU D 28 17.74 -4.21 39.46
C LEU D 28 16.28 -3.79 39.29
N PHE D 29 15.60 -3.65 40.43
CA PHE D 29 14.22 -3.18 40.45
C PHE D 29 14.13 -1.79 39.82
N LYS D 30 15.05 -0.91 40.22
CA LYS D 30 15.10 0.44 39.66
C LYS D 30 15.29 0.39 38.15
N GLU D 31 16.18 -0.47 37.70
CA GLU D 31 16.47 -0.64 36.27
C GLU D 31 15.22 -1.09 35.49
N VAL D 32 14.59 -2.17 35.96
CA VAL D 32 13.41 -2.71 35.31
C VAL D 32 12.28 -1.67 35.27
N VAL D 33 12.08 -0.97 36.39
CA VAL D 33 11.06 0.07 36.47
C VAL D 33 11.35 1.18 35.46
N GLU D 34 12.61 1.56 35.34
CA GLU D 34 13.01 2.59 34.39
C GLU D 34 12.77 2.16 32.95
N GLU D 35 13.07 0.89 32.65
CA GLU D 35 12.96 0.39 31.29
C GLU D 35 11.52 0.29 30.79
N LYS D 36 10.62 -0.24 31.62
CA LYS D 36 9.24 -0.45 31.20
C LYS D 36 8.38 0.80 31.38
N ASN D 37 8.98 1.85 31.92
CA ASN D 37 8.27 3.11 32.17
C ASN D 37 6.99 2.93 32.99
N ILE D 38 7.15 2.58 34.26
CA ILE D 38 5.99 2.40 35.13
C ILE D 38 5.45 3.75 35.57
N LYS D 39 4.19 4.00 35.22
CA LYS D 39 3.53 5.26 35.54
C LYS D 39 2.73 5.13 36.83
N ASN D 40 1.73 4.26 36.79
CA ASN D 40 0.83 4.03 37.91
C ASN D 40 1.55 3.70 39.22
N LYS D 41 1.06 4.29 40.31
CA LYS D 41 1.68 4.12 41.62
C LYS D 41 1.46 2.71 42.18
N ASP D 42 0.23 2.23 42.07
CA ASP D 42 -0.15 0.93 42.63
C ASP D 42 0.65 -0.21 42.02
N ALA D 43 0.94 -0.12 40.72
CA ALA D 43 1.74 -1.13 40.05
C ALA D 43 3.15 -1.17 40.65
N TYR D 44 3.75 0.00 40.80
CA TYR D 44 5.06 0.14 41.43
C TYR D 44 5.07 -0.48 42.82
N GLU D 45 4.24 0.06 43.71
CA GLU D 45 4.14 -0.44 45.08
C GLU D 45 3.96 -1.96 45.13
N TYR D 46 2.99 -2.45 44.36
CA TYR D 46 2.70 -3.88 44.31
C TYR D 46 3.92 -4.70 43.91
N ALA D 47 4.43 -4.46 42.70
CA ALA D 47 5.62 -5.14 42.20
C ALA D 47 6.77 -5.12 43.21
N LYS D 48 6.96 -3.98 43.86
CA LYS D 48 8.00 -3.86 44.88
C LYS D 48 7.73 -4.82 46.05
N LYS D 49 6.48 -4.88 46.50
CA LYS D 49 6.11 -5.78 47.58
C LYS D 49 6.33 -7.24 47.19
N LEU D 50 6.02 -7.56 45.94
CA LEU D 50 6.23 -8.90 45.40
C LEU D 50 7.72 -9.28 45.44
N VAL D 51 8.56 -8.41 44.89
CA VAL D 51 9.99 -8.65 44.86
C VAL D 51 10.57 -8.81 46.27
N ASP D 52 10.17 -7.90 47.17
CA ASP D 52 10.66 -7.95 48.55
C ASP D 52 10.25 -9.25 49.24
N THR D 53 8.98 -9.60 49.12
CA THR D 53 8.45 -10.83 49.69
C THR D 53 9.17 -12.06 49.16
N ALA D 54 9.47 -12.05 47.87
CA ALA D 54 10.18 -13.16 47.25
C ALA D 54 11.62 -13.26 47.75
N VAL D 55 12.29 -12.12 47.86
CA VAL D 55 13.69 -12.09 48.28
C VAL D 55 13.87 -12.48 49.75
N ARG D 56 12.98 -12.02 50.61
CA ARG D 56 13.06 -12.36 52.03
C ARG D 56 12.92 -13.86 52.29
N HIS D 57 11.91 -14.47 51.66
CA HIS D 57 11.57 -15.87 51.90
C HIS D 57 12.24 -16.85 50.94
N ILE D 58 13.16 -16.34 50.13
CA ILE D 58 13.70 -17.06 48.97
C ILE D 58 14.10 -18.53 49.21
N GLU D 59 14.78 -18.82 50.31
CA GLU D 59 15.25 -20.19 50.56
C GLU D 59 14.09 -21.13 50.89
N GLU D 60 13.16 -20.64 51.71
CA GLU D 60 11.97 -21.41 52.06
C GLU D 60 11.15 -21.68 50.80
N ILE D 61 11.03 -20.65 49.96
CA ILE D 61 10.34 -20.79 48.68
C ILE D 61 10.99 -21.87 47.82
N ASP D 62 12.31 -21.81 47.71
CA ASP D 62 13.07 -22.80 46.95
C ASP D 62 12.84 -24.21 47.47
N SER D 63 12.73 -24.35 48.79
CA SER D 63 12.47 -25.64 49.39
C SER D 63 11.10 -26.15 49.00
N ILE D 64 10.08 -25.30 49.19
CA ILE D 64 8.71 -25.63 48.84
C ILE D 64 8.58 -26.05 47.39
N ILE D 65 9.23 -25.31 46.50
CA ILE D 65 9.20 -25.63 45.08
C ILE D 65 9.90 -26.95 44.80
N GLU D 66 11.10 -27.11 45.36
CA GLU D 66 11.90 -28.30 45.13
C GLU D 66 11.21 -29.58 45.59
N LYS D 67 10.42 -29.48 46.65
CA LYS D 67 9.67 -30.63 47.14
C LYS D 67 8.71 -31.21 46.09
N HIS D 68 8.12 -30.33 45.28
CA HIS D 68 7.15 -30.74 44.26
C HIS D 68 7.76 -30.92 42.87
N LEU D 69 9.07 -30.77 42.76
CA LEU D 69 9.77 -30.93 41.49
C LEU D 69 9.89 -32.39 41.05
N LYS D 70 9.42 -33.29 41.90
CA LYS D 70 9.48 -34.74 41.65
C LYS D 70 10.91 -35.28 41.62
N GLY D 71 11.77 -34.72 42.45
CA GLY D 71 13.12 -35.25 42.63
C GLY D 71 14.22 -34.41 42.00
N TRP D 72 13.83 -33.42 41.20
CA TRP D 72 14.80 -32.57 40.53
C TRP D 72 15.45 -31.57 41.48
N SER D 73 16.66 -31.15 41.15
CA SER D 73 17.31 -30.06 41.85
C SER D 73 16.81 -28.74 41.28
N ILE D 74 16.47 -27.79 42.14
CA ILE D 74 15.88 -26.54 41.70
C ILE D 74 16.87 -25.71 40.87
N ASP D 75 18.15 -25.96 41.05
CA ASP D 75 19.19 -25.26 40.30
C ASP D 75 19.21 -25.69 38.84
N ARG D 76 18.60 -26.84 38.55
CA ARG D 76 18.60 -27.40 37.21
C ARG D 76 17.41 -26.95 36.36
N LEU D 77 16.50 -26.19 36.96
CA LEU D 77 15.37 -25.65 36.21
C LEU D 77 15.84 -24.48 35.35
N GLY D 78 15.09 -24.20 34.29
CA GLY D 78 15.36 -23.02 33.49
C GLY D 78 15.06 -21.79 34.31
N TYR D 79 15.79 -20.70 34.06
CA TYR D 79 15.61 -19.47 34.81
C TYR D 79 14.16 -18.99 34.80
N VAL D 80 13.52 -19.12 33.64
CA VAL D 80 12.13 -18.71 33.49
C VAL D 80 11.20 -19.50 34.40
N GLU D 81 11.25 -20.83 34.29
CA GLU D 81 10.40 -21.70 35.08
C GLU D 81 10.66 -21.52 36.58
N ARG D 82 11.94 -21.55 36.93
CA ARG D 82 12.35 -21.43 38.33
C ARG D 82 11.88 -20.12 38.96
N ASN D 83 12.19 -19.00 38.32
CA ASN D 83 11.80 -17.69 38.86
C ASN D 83 10.29 -17.43 38.84
N ALA D 84 9.61 -17.91 37.81
CA ALA D 84 8.17 -17.78 37.77
C ALA D 84 7.53 -18.56 38.89
N LEU D 85 8.05 -19.76 39.15
CA LEU D 85 7.60 -20.57 40.27
C LEU D 85 7.89 -19.86 41.59
N ARG D 86 9.05 -19.23 41.69
CA ARG D 86 9.41 -18.45 42.87
C ARG D 86 8.38 -17.36 43.14
N LEU D 87 8.10 -16.55 42.14
CA LEU D 87 7.13 -15.47 42.26
C LEU D 87 5.75 -16.01 42.63
N GLY D 88 5.32 -17.05 41.93
CA GLY D 88 4.03 -17.67 42.15
C GLY D 88 3.85 -18.13 43.59
N VAL D 89 4.84 -18.87 44.08
CA VAL D 89 4.82 -19.36 45.46
C VAL D 89 4.83 -18.19 46.44
N ALA D 90 5.63 -17.16 46.12
CA ALA D 90 5.70 -15.98 46.97
C ALA D 90 4.34 -15.35 47.18
N GLU D 91 3.68 -14.99 46.07
CA GLU D 91 2.37 -14.34 46.16
C GLU D 91 1.28 -15.25 46.73
N LEU D 92 1.20 -16.47 46.22
CA LEU D 92 0.16 -17.41 46.62
C LEU D 92 0.25 -17.80 48.10
N ILE D 93 1.46 -18.06 48.56
CA ILE D 93 1.65 -18.51 49.93
C ILE D 93 1.95 -17.37 50.91
N PHE D 94 3.06 -16.69 50.70
CA PHE D 94 3.54 -15.72 51.68
C PHE D 94 2.76 -14.41 51.69
N LEU D 95 2.16 -14.04 50.57
CA LEU D 95 1.25 -12.89 50.54
C LEU D 95 -0.20 -13.32 50.69
N LYS D 96 -0.43 -14.63 50.71
CA LYS D 96 -1.75 -15.21 50.90
C LYS D 96 -2.81 -14.60 49.97
N SER D 97 -2.52 -14.59 48.67
CA SER D 97 -3.39 -13.96 47.69
C SER D 97 -4.81 -14.51 47.72
N LYS D 98 -5.78 -13.60 47.72
CA LYS D 98 -7.19 -13.98 47.78
C LYS D 98 -7.73 -14.27 46.38
N GLU D 99 -6.85 -14.12 45.38
CA GLU D 99 -7.22 -14.40 44.00
C GLU D 99 -6.25 -15.38 43.37
N PRO D 100 -6.23 -16.63 43.87
CA PRO D 100 -5.23 -17.61 43.44
C PRO D 100 -5.34 -17.96 41.96
N GLY D 101 -6.55 -18.15 41.46
CA GLY D 101 -6.77 -18.48 40.07
C GLY D 101 -6.12 -17.46 39.15
N ARG D 102 -6.30 -16.19 39.47
CA ARG D 102 -5.74 -15.10 38.66
C ARG D 102 -4.22 -15.09 38.70
N VAL D 103 -3.66 -15.43 39.87
CA VAL D 103 -2.22 -15.56 40.02
C VAL D 103 -1.69 -16.67 39.11
N PHE D 104 -2.37 -17.81 39.11
CA PHE D 104 -2.05 -18.93 38.23
C PHE D 104 -2.06 -18.45 36.78
N ILE D 105 -3.12 -17.74 36.41
CA ILE D 105 -3.27 -17.19 35.07
C ILE D 105 -2.06 -16.35 34.67
N ASP D 106 -1.83 -15.27 35.41
CA ASP D 106 -0.73 -14.34 35.12
C ASP D 106 0.63 -15.04 35.06
N ILE D 107 0.90 -15.89 36.04
CA ILE D 107 2.18 -16.61 36.09
C ILE D 107 2.38 -17.50 34.88
N VAL D 108 1.42 -18.39 34.62
CA VAL D 108 1.50 -19.30 33.47
C VAL D 108 1.63 -18.53 32.16
N ASP D 109 0.90 -17.43 32.03
CA ASP D 109 1.01 -16.56 30.86
C ASP D 109 2.42 -16.01 30.70
N LEU D 110 3.01 -15.59 31.82
CA LEU D 110 4.38 -15.10 31.83
C LEU D 110 5.34 -16.19 31.36
N VAL D 111 5.08 -17.42 31.78
CA VAL D 111 5.90 -18.55 31.37
C VAL D 111 5.79 -18.79 29.88
N LYS D 112 4.57 -18.66 29.36
CA LYS D 112 4.32 -18.86 27.93
C LYS D 112 4.87 -17.72 27.07
N LYS D 113 5.08 -16.55 27.68
CA LYS D 113 5.65 -15.42 26.97
C LYS D 113 7.16 -15.55 26.75
N TYR D 114 7.88 -15.86 27.83
CA TYR D 114 9.34 -15.87 27.80
C TYR D 114 9.90 -17.28 27.55
N ALA D 115 8.99 -18.24 27.39
CA ALA D 115 9.38 -19.60 27.03
C ALA D 115 8.19 -20.26 26.34
N ASP D 116 8.38 -21.50 25.90
CA ASP D 116 7.32 -22.22 25.20
C ASP D 116 6.21 -22.66 26.17
N GLU D 117 5.03 -22.92 25.61
CA GLU D 117 3.88 -23.36 26.40
C GLU D 117 4.16 -24.70 27.08
N LYS D 118 5.11 -25.43 26.50
CA LYS D 118 5.59 -26.70 27.06
C LYS D 118 6.07 -26.50 28.50
N ALA D 119 6.72 -25.37 28.76
CA ALA D 119 7.13 -25.03 30.11
C ALA D 119 5.94 -24.48 30.90
N GLY D 120 4.98 -23.90 30.17
CA GLY D 120 3.79 -23.34 30.77
C GLY D 120 2.95 -24.36 31.52
N LYS D 121 2.62 -25.46 30.85
CA LYS D 121 1.85 -26.52 31.50
C LYS D 121 2.60 -27.13 32.67
N PHE D 122 3.92 -27.21 32.54
CA PHE D 122 4.77 -27.73 33.61
C PHE D 122 4.69 -26.87 34.86
N VAL D 123 4.92 -25.57 34.69
CA VAL D 123 4.84 -24.62 35.78
C VAL D 123 3.44 -24.61 36.39
N ASN D 124 2.43 -24.73 35.53
CA ASN D 124 1.05 -24.82 35.99
C ASN D 124 0.85 -26.04 36.89
N GLY D 125 1.44 -27.16 36.50
CA GLY D 125 1.32 -28.40 37.26
C GLY D 125 2.01 -28.32 38.61
N VAL D 126 3.26 -27.87 38.60
CA VAL D 126 4.02 -27.71 39.83
C VAL D 126 3.33 -26.75 40.79
N LEU D 127 2.85 -25.65 40.24
CA LEU D 127 2.15 -24.63 41.04
C LEU D 127 0.87 -25.21 41.64
N SER D 128 0.15 -25.99 40.84
CA SER D 128 -1.08 -26.64 41.30
C SER D 128 -0.79 -27.59 42.47
N ALA D 129 0.28 -28.38 42.33
CA ALA D 129 0.66 -29.32 43.37
C ALA D 129 1.02 -28.58 44.66
N ILE D 130 1.87 -27.56 44.51
CA ILE D 130 2.29 -26.74 45.65
C ILE D 130 1.12 -26.12 46.38
N TYR D 131 0.17 -25.57 45.63
CA TYR D 131 -0.99 -24.91 46.23
C TYR D 131 -1.91 -25.93 46.91
N LYS D 132 -2.13 -27.06 46.26
CA LYS D 132 -2.94 -28.13 46.83
C LYS D 132 -2.32 -28.63 48.14
N ALA D 133 -1.00 -28.63 48.21
CA ALA D 133 -0.31 -29.01 49.43
C ALA D 133 -0.45 -27.93 50.50
N TYR D 134 -0.43 -26.67 50.05
CA TYR D 134 -0.55 -25.53 50.95
C TYR D 134 -1.92 -25.45 51.62
N ILE D 135 -2.95 -25.86 50.88
CA ILE D 135 -4.31 -25.85 51.39
C ILE D 135 -4.46 -26.76 52.61
N THR D 136 -3.85 -27.93 52.55
CA THR D 136 -3.95 -28.91 53.63
C THR D 136 -2.82 -28.78 54.64
N SER D 137 -1.97 -27.77 54.48
CA SER D 137 -0.84 -27.57 55.37
C SER D 137 -1.28 -27.19 56.78
N SER D 138 -2.11 -26.16 56.89
CA SER D 138 -2.57 -25.67 58.18
C SER D 138 -3.91 -26.28 58.58
N MET E 1 -16.21 19.58 23.22
CA MET E 1 -15.98 18.16 23.43
C MET E 1 -16.73 17.61 24.65
N ARG E 2 -15.99 16.98 25.56
CA ARG E 2 -16.58 16.28 26.70
C ARG E 2 -16.96 17.16 27.90
N TYR E 3 -16.24 18.27 28.08
CA TYR E 3 -16.43 19.15 29.24
C TYR E 3 -17.85 19.74 29.35
N ARG E 4 -18.58 19.67 28.24
CA ARG E 4 -19.90 20.27 28.13
C ARG E 4 -20.90 19.77 29.18
N LYS E 5 -20.94 18.46 29.39
CA LYS E 5 -21.86 17.87 30.37
C LYS E 5 -21.61 18.42 31.77
N GLY E 6 -20.35 18.40 32.20
CA GLY E 6 -19.98 18.90 33.50
C GLY E 6 -20.31 20.37 33.64
N ALA E 7 -20.02 21.14 32.59
CA ALA E 7 -20.37 22.55 32.57
C ALA E 7 -21.86 22.76 32.77
N ARG E 8 -22.67 21.93 32.12
CA ARG E 8 -24.12 22.03 32.21
C ARG E 8 -24.61 21.68 33.61
N ASP E 9 -23.99 20.67 34.22
CA ASP E 9 -24.32 20.29 35.59
C ASP E 9 -24.05 21.46 36.54
N THR E 10 -22.84 22.01 36.45
CA THR E 10 -22.44 23.14 37.29
C THR E 10 -23.41 24.30 37.13
N ALA E 11 -23.70 24.65 35.87
CA ALA E 11 -24.60 25.75 35.57
C ALA E 11 -25.97 25.49 36.18
N PHE E 12 -26.44 24.26 36.08
CA PHE E 12 -27.74 23.91 36.63
C PHE E 12 -27.77 24.09 38.15
N LEU E 13 -26.71 23.64 38.83
CA LEU E 13 -26.63 23.83 40.28
C LEU E 13 -26.68 25.32 40.60
N VAL E 14 -25.88 26.11 39.90
CA VAL E 14 -25.82 27.55 40.13
C VAL E 14 -27.19 28.21 39.97
N LEU E 15 -27.92 27.84 38.91
CA LEU E 15 -29.23 28.42 38.66
C LEU E 15 -30.26 27.98 39.71
N TYR E 16 -30.25 26.69 40.02
CA TYR E 16 -31.14 26.12 41.02
C TYR E 16 -30.99 26.84 42.37
N ARG E 17 -29.76 27.03 42.79
CA ARG E 17 -29.51 27.70 44.06
C ARG E 17 -29.75 29.20 43.97
N TRP E 18 -29.53 29.77 42.79
CA TRP E 18 -29.79 31.19 42.57
C TRP E 18 -31.28 31.49 42.75
N ASP E 19 -32.11 30.59 42.22
CA ASP E 19 -33.56 30.75 42.32
C ASP E 19 -34.04 30.43 43.72
N LEU E 20 -33.53 29.33 44.28
CA LEU E 20 -33.95 28.89 45.60
C LEU E 20 -33.43 29.75 46.75
N ARG E 21 -32.11 29.93 46.80
CA ARG E 21 -31.48 30.62 47.93
C ARG E 21 -31.38 32.13 47.76
N GLY E 22 -31.60 32.62 46.54
CA GLY E 22 -31.53 34.05 46.26
C GLY E 22 -30.16 34.66 46.44
N GLU E 23 -29.14 33.81 46.61
CA GLU E 23 -27.76 34.27 46.78
C GLU E 23 -27.16 34.74 45.45
N ASN E 24 -26.10 35.54 45.53
CA ASN E 24 -25.41 36.03 44.35
C ASN E 24 -24.87 34.90 43.47
N PRO E 25 -25.14 34.99 42.15
CA PRO E 25 -24.73 34.00 41.14
C PRO E 25 -23.24 33.71 41.15
N GLY E 26 -22.41 34.73 41.27
CA GLY E 26 -20.96 34.55 41.29
C GLY E 26 -20.49 33.81 42.52
N GLU E 27 -21.04 34.18 43.68
CA GLU E 27 -20.72 33.52 44.93
C GLU E 27 -21.11 32.05 44.91
N LEU E 28 -22.32 31.78 44.41
CA LEU E 28 -22.80 30.41 44.29
C LEU E 28 -21.97 29.64 43.29
N PHE E 29 -21.48 30.33 42.26
CA PHE E 29 -20.60 29.71 41.29
C PHE E 29 -19.31 29.27 41.98
N LYS E 30 -18.75 30.16 42.80
CA LYS E 30 -17.56 29.83 43.59
C LYS E 30 -17.82 28.62 44.48
N GLU E 31 -18.98 28.61 45.13
CA GLU E 31 -19.37 27.51 46.01
C GLU E 31 -19.40 26.18 45.27
N VAL E 32 -20.15 26.14 44.18
CA VAL E 32 -20.33 24.92 43.40
C VAL E 32 -19.00 24.43 42.84
N VAL E 33 -18.21 25.33 42.27
CA VAL E 33 -16.90 24.99 41.75
C VAL E 33 -15.98 24.42 42.82
N GLU E 34 -15.97 25.05 44.00
CA GLU E 34 -15.12 24.59 45.08
C GLU E 34 -15.55 23.22 45.64
N GLU E 35 -16.86 23.03 45.77
CA GLU E 35 -17.37 21.80 46.36
C GLU E 35 -17.33 20.62 45.40
N LYS E 36 -17.39 20.91 44.11
CA LYS E 36 -17.32 19.86 43.09
C LYS E 36 -15.87 19.52 42.78
N ASN E 37 -14.94 20.31 43.31
CA ASN E 37 -13.52 20.16 43.04
C ASN E 37 -13.23 20.28 41.54
N ILE E 38 -13.79 21.30 40.91
CA ILE E 38 -13.57 21.54 39.49
C ILE E 38 -12.21 22.19 39.27
N LYS E 39 -11.47 21.66 38.30
CA LYS E 39 -10.11 22.11 38.02
C LYS E 39 -9.93 22.49 36.55
N ASN E 40 -10.19 21.52 35.67
CA ASN E 40 -10.00 21.71 34.23
C ASN E 40 -10.64 22.98 33.70
N LYS E 41 -9.86 23.74 32.92
CA LYS E 41 -10.21 25.09 32.52
C LYS E 41 -11.46 25.18 31.63
N ASP E 42 -11.56 24.28 30.66
CA ASP E 42 -12.67 24.31 29.71
C ASP E 42 -14.02 24.21 30.41
N ALA E 43 -14.13 23.27 31.34
CA ALA E 43 -15.36 23.09 32.11
C ALA E 43 -15.70 24.32 32.93
N TYR E 44 -14.67 24.90 33.54
CA TYR E 44 -14.83 26.09 34.39
C TYR E 44 -15.37 27.27 33.58
N GLU E 45 -14.68 27.58 32.49
CA GLU E 45 -15.05 28.72 31.66
C GLU E 45 -16.39 28.52 30.95
N TYR E 46 -16.66 27.28 30.53
CA TYR E 46 -17.91 26.97 29.86
C TYR E 46 -19.07 27.10 30.85
N ALA E 47 -18.86 26.61 32.07
CA ALA E 47 -19.87 26.74 33.11
C ALA E 47 -20.13 28.20 33.42
N LYS E 48 -19.05 28.99 33.50
CA LYS E 48 -19.17 30.41 33.76
C LYS E 48 -19.95 31.12 32.64
N LYS E 49 -19.69 30.74 31.39
CA LYS E 49 -20.38 31.34 30.26
C LYS E 49 -21.86 30.96 30.24
N LEU E 50 -22.14 29.71 30.61
CA LEU E 50 -23.52 29.23 30.72
C LEU E 50 -24.29 30.00 31.78
N VAL E 51 -23.68 30.13 32.97
CA VAL E 51 -24.31 30.85 34.07
C VAL E 51 -24.53 32.32 33.71
N ASP E 52 -23.52 32.95 33.11
CA ASP E 52 -23.63 34.36 32.73
C ASP E 52 -24.69 34.58 31.65
N THR E 53 -24.78 33.65 30.71
CA THR E 53 -25.77 33.73 29.63
C THR E 53 -27.16 33.41 30.15
N ALA E 54 -27.21 32.74 31.29
CA ALA E 54 -28.48 32.44 31.96
C ALA E 54 -28.97 33.62 32.79
N VAL E 55 -28.07 34.29 33.50
CA VAL E 55 -28.42 35.39 34.39
C VAL E 55 -28.78 36.63 33.58
N ARG E 56 -27.82 37.13 32.81
CA ARG E 56 -28.13 38.09 31.76
C ARG E 56 -29.09 37.34 30.82
N HIS E 57 -30.13 38.02 30.36
CA HIS E 57 -31.19 37.45 29.51
C HIS E 57 -32.26 36.65 30.27
N ILE E 58 -32.12 36.54 31.58
CA ILE E 58 -33.03 35.72 32.40
C ILE E 58 -34.52 35.99 32.18
N GLU E 59 -34.90 37.25 32.05
CA GLU E 59 -36.31 37.60 31.91
C GLU E 59 -36.83 37.24 30.53
N GLU E 60 -35.99 37.45 29.52
CA GLU E 60 -36.32 37.09 28.15
C GLU E 60 -36.60 35.59 28.09
N ILE E 61 -35.71 34.82 28.70
CA ILE E 61 -35.85 33.37 28.79
C ILE E 61 -37.16 32.99 29.49
N ASP E 62 -37.37 33.58 30.66
CA ASP E 62 -38.61 33.35 31.43
C ASP E 62 -39.84 33.58 30.58
N SER E 63 -39.84 34.64 29.79
CA SER E 63 -40.96 34.93 28.90
C SER E 63 -41.10 33.83 27.86
N ILE E 64 -39.98 33.44 27.26
CA ILE E 64 -39.96 32.40 26.23
C ILE E 64 -40.58 31.10 26.71
N ILE E 65 -40.14 30.62 27.88
CA ILE E 65 -40.70 29.39 28.43
C ILE E 65 -42.14 29.58 28.90
N GLU E 66 -42.46 30.79 29.35
CA GLU E 66 -43.80 31.07 29.85
C GLU E 66 -44.82 31.12 28.71
N LYS E 67 -44.32 31.31 27.50
CA LYS E 67 -45.18 31.29 26.32
C LYS E 67 -45.71 29.88 26.04
N HIS E 68 -44.91 28.87 26.35
CA HIS E 68 -45.25 27.48 26.04
C HIS E 68 -45.92 26.75 27.22
N LEU E 69 -46.15 27.47 28.32
CA LEU E 69 -46.80 26.87 29.47
C LEU E 69 -48.32 26.99 29.39
N LYS E 70 -48.79 27.53 28.26
CA LYS E 70 -50.22 27.68 28.00
C LYS E 70 -50.92 28.56 29.03
N GLY E 71 -50.33 29.72 29.30
CA GLY E 71 -50.91 30.69 30.20
C GLY E 71 -50.51 30.49 31.65
N TRP E 72 -49.78 29.40 31.90
CA TRP E 72 -49.38 29.08 33.27
C TRP E 72 -48.15 29.88 33.68
N SER E 73 -48.23 30.53 34.84
CA SER E 73 -47.10 31.28 35.38
C SER E 73 -45.97 30.33 35.72
N ILE E 74 -44.73 30.78 35.50
CA ILE E 74 -43.57 29.90 35.62
C ILE E 74 -43.29 29.43 37.05
N ASP E 75 -43.81 30.16 38.03
CA ASP E 75 -43.61 29.77 39.42
C ASP E 75 -44.45 28.54 39.79
N ARG E 76 -45.30 28.10 38.86
CA ARG E 76 -46.15 26.94 39.09
C ARG E 76 -45.43 25.63 38.77
N LEU E 77 -44.19 25.73 38.31
CA LEU E 77 -43.39 24.54 38.04
C LEU E 77 -42.48 24.24 39.22
N GLY E 78 -41.73 23.14 39.12
CA GLY E 78 -40.78 22.80 40.16
C GLY E 78 -39.50 23.56 39.95
N TYR E 79 -38.68 23.67 41.00
CA TYR E 79 -37.41 24.37 40.90
C TYR E 79 -36.50 23.73 39.86
N VAL E 80 -36.37 22.41 39.94
CA VAL E 80 -35.57 21.65 38.98
C VAL E 80 -36.06 21.86 37.56
N GLU E 81 -37.36 21.63 37.34
CA GLU E 81 -37.96 21.78 36.02
C GLU E 81 -37.72 23.18 35.46
N ARG E 82 -38.12 24.18 36.23
CA ARG E 82 -37.96 25.59 35.85
C ARG E 82 -36.51 25.93 35.47
N ASN E 83 -35.60 25.80 36.44
CA ASN E 83 -34.20 26.17 36.21
C ASN E 83 -33.53 25.39 35.08
N ALA E 84 -33.83 24.10 34.97
CA ALA E 84 -33.30 23.29 33.88
C ALA E 84 -33.82 23.78 32.54
N LEU E 85 -35.09 24.17 32.50
CA LEU E 85 -35.66 24.75 31.29
C LEU E 85 -34.99 26.08 30.95
N ARG E 86 -34.65 26.86 31.97
CA ARG E 86 -33.94 28.12 31.77
C ARG E 86 -32.58 27.89 31.13
N LEU E 87 -31.81 26.98 31.72
CA LEU E 87 -30.49 26.63 31.19
C LEU E 87 -30.59 26.09 29.77
N GLY E 88 -31.57 25.21 29.54
CA GLY E 88 -31.80 24.64 28.23
C GLY E 88 -32.09 25.68 27.17
N VAL E 89 -32.98 26.62 27.49
CA VAL E 89 -33.31 27.70 26.58
C VAL E 89 -32.09 28.59 26.31
N ALA E 90 -31.35 28.89 27.38
CA ALA E 90 -30.14 29.71 27.25
C ALA E 90 -29.16 29.09 26.27
N GLU E 91 -28.81 27.83 26.50
CA GLU E 91 -27.85 27.11 25.64
C GLU E 91 -28.36 26.91 24.21
N LEU E 92 -29.59 26.42 24.07
CA LEU E 92 -30.14 26.11 22.75
C LEU E 92 -30.30 27.36 21.90
N ILE E 93 -30.89 28.40 22.48
CA ILE E 93 -31.20 29.61 21.74
C ILE E 93 -30.09 30.65 21.79
N PHE E 94 -29.82 31.17 22.98
CA PHE E 94 -28.95 32.34 23.13
C PHE E 94 -27.50 32.09 22.75
N LEU E 95 -27.00 30.87 23.00
CA LEU E 95 -25.66 30.52 22.56
C LEU E 95 -25.67 29.76 21.25
N LYS E 96 -26.87 29.48 20.74
CA LYS E 96 -27.06 28.74 19.50
C LYS E 96 -26.21 27.47 19.41
N SER E 97 -26.54 26.48 20.21
CA SER E 97 -25.78 25.23 20.26
C SER E 97 -25.85 24.50 18.92
N LYS E 98 -24.69 24.04 18.45
CA LYS E 98 -24.60 23.31 17.19
C LYS E 98 -24.90 21.84 17.43
N GLU E 99 -25.17 21.50 18.68
CA GLU E 99 -25.47 20.13 19.08
C GLU E 99 -26.76 20.09 19.90
N PRO E 100 -27.89 20.44 19.27
CA PRO E 100 -29.16 20.60 19.99
C PRO E 100 -29.59 19.31 20.68
N GLY E 101 -29.55 18.20 19.95
CA GLY E 101 -29.98 16.92 20.48
C GLY E 101 -29.15 16.52 21.69
N ARG E 102 -27.85 16.80 21.63
CA ARG E 102 -26.95 16.50 22.73
C ARG E 102 -27.38 17.26 23.99
N VAL E 103 -27.64 18.55 23.80
CA VAL E 103 -28.13 19.41 24.88
C VAL E 103 -29.41 18.85 25.46
N PHE E 104 -30.32 18.41 24.60
CA PHE E 104 -31.56 17.79 25.04
C PHE E 104 -31.29 16.58 25.93
N ILE E 105 -30.46 15.65 25.45
CA ILE E 105 -30.10 14.46 26.21
C ILE E 105 -29.54 14.80 27.59
N ASP E 106 -28.56 15.70 27.62
CA ASP E 106 -27.91 16.05 28.89
C ASP E 106 -28.86 16.73 29.86
N ILE E 107 -29.64 17.69 29.35
CA ILE E 107 -30.59 18.42 30.18
C ILE E 107 -31.64 17.48 30.77
N VAL E 108 -32.27 16.68 29.92
CA VAL E 108 -33.27 15.72 30.38
C VAL E 108 -32.66 14.76 31.39
N ASP E 109 -31.41 14.35 31.15
CA ASP E 109 -30.70 13.52 32.12
C ASP E 109 -30.59 14.20 33.48
N LEU E 110 -30.23 15.48 33.48
CA LEU E 110 -30.13 16.24 34.71
C LEU E 110 -31.48 16.34 35.41
N VAL E 111 -32.54 16.51 34.63
CA VAL E 111 -33.88 16.61 35.21
C VAL E 111 -34.30 15.30 35.87
N LYS E 112 -34.06 14.18 35.18
CA LYS E 112 -34.35 12.87 35.75
C LYS E 112 -33.57 12.67 37.04
N LYS E 113 -32.28 13.01 36.98
CA LYS E 113 -31.37 12.83 38.10
C LYS E 113 -31.78 13.61 39.35
N TYR E 114 -32.01 14.91 39.19
CA TYR E 114 -32.30 15.76 40.34
C TYR E 114 -33.76 15.74 40.79
N ALA E 115 -34.67 15.29 39.92
CA ALA E 115 -36.08 15.21 40.30
C ALA E 115 -36.66 13.80 40.16
N ASP E 116 -36.97 13.42 38.93
CA ASP E 116 -37.61 12.13 38.63
C ASP E 116 -37.90 11.98 37.14
N GLU E 117 -38.42 10.81 36.76
CA GLU E 117 -38.71 10.49 35.37
C GLU E 117 -39.74 11.42 34.73
N LYS E 118 -40.87 11.60 35.40
CA LYS E 118 -41.96 12.41 34.87
C LYS E 118 -41.54 13.86 34.63
N ALA E 119 -40.74 14.39 35.55
CA ALA E 119 -40.20 15.74 35.38
C ALA E 119 -39.35 15.79 34.12
N GLY E 120 -38.61 14.71 33.87
CA GLY E 120 -37.79 14.59 32.69
C GLY E 120 -38.62 14.62 31.42
N LYS E 121 -39.72 13.87 31.41
CA LYS E 121 -40.61 13.85 30.26
C LYS E 121 -41.24 15.23 30.02
N PHE E 122 -41.66 15.87 31.12
CA PHE E 122 -42.24 17.21 31.06
C PHE E 122 -41.27 18.21 30.43
N VAL E 123 -40.07 18.30 31.02
CA VAL E 123 -39.03 19.20 30.53
C VAL E 123 -38.70 18.90 29.07
N ASN E 124 -38.63 17.61 28.75
CA ASN E 124 -38.38 17.19 27.38
C ASN E 124 -39.43 17.74 26.41
N GLY E 125 -40.69 17.53 26.73
CA GLY E 125 -41.78 18.02 25.90
C GLY E 125 -41.75 19.53 25.72
N VAL E 126 -41.69 20.24 26.84
CA VAL E 126 -41.68 21.70 26.82
C VAL E 126 -40.53 22.25 25.99
N LEU E 127 -39.31 21.79 26.30
CA LEU E 127 -38.12 22.26 25.61
C LEU E 127 -38.15 21.92 24.13
N SER E 128 -38.70 20.75 23.80
CA SER E 128 -38.85 20.33 22.41
C SER E 128 -39.77 21.29 21.66
N ALA E 129 -40.89 21.65 22.29
CA ALA E 129 -41.83 22.59 21.71
C ALA E 129 -41.15 23.96 21.49
N ILE E 130 -40.40 24.40 22.50
CA ILE E 130 -39.66 25.66 22.42
C ILE E 130 -38.69 25.67 21.24
N TYR E 131 -37.92 24.60 21.09
CA TYR E 131 -36.93 24.53 20.02
C TYR E 131 -37.60 24.43 18.66
N LYS E 132 -38.76 23.77 18.61
CA LYS E 132 -39.53 23.68 17.38
C LYS E 132 -40.03 25.07 16.98
N ALA E 133 -40.36 25.88 17.98
CA ALA E 133 -40.78 27.25 17.73
C ALA E 133 -39.60 28.12 17.31
N TYR E 134 -38.42 27.83 17.83
CA TYR E 134 -37.23 28.62 17.55
C TYR E 134 -36.65 28.36 16.16
N ILE E 135 -36.51 27.10 15.79
CA ILE E 135 -35.85 26.75 14.54
C ILE E 135 -36.61 27.23 13.32
N THR E 136 -37.94 27.33 13.41
CA THR E 136 -38.66 27.78 12.22
C THR E 136 -39.09 29.25 12.28
N SER E 137 -38.17 30.09 11.81
CA SER E 137 -38.48 31.48 11.52
C SER E 137 -38.66 31.66 10.02
N SER E 138 -38.41 30.54 9.31
CA SER E 138 -38.33 30.37 7.84
C SER E 138 -37.00 29.73 7.47
N TYR F 3 -38.19 7.42 60.96
CA TYR F 3 -38.42 8.68 60.26
C TYR F 3 -37.62 9.81 60.91
N ARG F 4 -37.10 9.55 62.10
CA ARG F 4 -36.41 10.57 62.88
C ARG F 4 -35.02 10.90 62.32
N LYS F 5 -34.38 9.92 61.71
CA LYS F 5 -33.00 10.08 61.21
C LYS F 5 -32.90 11.20 60.16
N GLY F 6 -33.74 11.11 59.13
CA GLY F 6 -33.77 12.12 58.09
C GLY F 6 -34.09 13.49 58.63
N ALA F 7 -34.96 13.53 59.64
CA ALA F 7 -35.30 14.78 60.30
C ALA F 7 -34.07 15.36 60.99
N ARG F 8 -33.26 14.50 61.59
CA ARG F 8 -32.04 14.94 62.27
C ARG F 8 -31.00 15.45 61.27
N ASP F 9 -30.90 14.78 60.12
CA ASP F 9 -30.00 15.23 59.07
C ASP F 9 -30.41 16.60 58.56
N THR F 10 -31.70 16.74 58.30
CA THR F 10 -32.31 18.01 57.93
C THR F 10 -31.94 19.11 58.91
N ALA F 11 -32.35 18.92 60.16
CA ALA F 11 -32.08 19.89 61.23
C ALA F 11 -30.60 20.24 61.32
N PHE F 12 -29.74 19.25 61.18
CA PHE F 12 -28.31 19.49 61.21
C PHE F 12 -27.88 20.42 60.09
N LEU F 13 -28.32 20.13 58.87
CA LEU F 13 -27.98 20.97 57.72
C LEU F 13 -28.49 22.40 57.90
N VAL F 14 -29.71 22.53 58.42
CA VAL F 14 -30.31 23.84 58.66
C VAL F 14 -29.50 24.64 59.68
N LEU F 15 -29.18 24.02 60.82
CA LEU F 15 -28.41 24.67 61.86
C LEU F 15 -27.02 25.07 61.34
N TYR F 16 -26.44 24.19 60.54
CA TYR F 16 -25.14 24.43 59.93
C TYR F 16 -25.19 25.68 59.06
N ARG F 17 -26.17 25.74 58.15
CA ARG F 17 -26.30 26.90 57.26
C ARG F 17 -26.65 28.18 58.03
N TRP F 18 -27.31 28.04 59.16
CA TRP F 18 -27.60 29.18 60.01
C TRP F 18 -26.32 29.72 60.62
N ASP F 19 -25.53 28.83 61.21
CA ASP F 19 -24.29 29.23 61.88
C ASP F 19 -23.25 29.71 60.86
N LEU F 20 -23.42 29.30 59.62
CA LEU F 20 -22.50 29.68 58.55
C LEU F 20 -22.88 31.01 57.94
N ARG F 21 -24.03 31.05 57.27
CA ARG F 21 -24.50 32.24 56.56
C ARG F 21 -24.95 33.35 57.52
N GLY F 22 -25.81 32.98 58.46
CA GLY F 22 -26.29 33.94 59.46
C GLY F 22 -27.66 34.50 59.14
N GLU F 23 -28.33 33.91 58.16
CA GLU F 23 -29.64 34.37 57.74
C GLU F 23 -30.75 33.80 58.62
N ASN F 24 -31.99 34.03 58.22
CA ASN F 24 -33.14 33.57 58.99
C ASN F 24 -33.35 32.06 58.88
N PRO F 25 -33.39 31.38 60.03
CA PRO F 25 -33.51 29.92 60.14
C PRO F 25 -34.71 29.34 59.39
N GLY F 26 -35.81 30.08 59.30
CA GLY F 26 -37.00 29.60 58.62
C GLY F 26 -36.80 29.43 57.12
N GLU F 27 -36.27 30.48 56.50
CA GLU F 27 -35.99 30.46 55.07
C GLU F 27 -34.99 29.36 54.73
N LEU F 28 -33.96 29.24 55.56
CA LEU F 28 -32.95 28.20 55.41
C LEU F 28 -33.59 26.82 55.50
N PHE F 29 -34.52 26.68 56.43
CA PHE F 29 -35.27 25.44 56.59
C PHE F 29 -36.03 25.12 55.30
N LYS F 30 -36.68 26.13 54.73
CA LYS F 30 -37.40 25.97 53.48
C LYS F 30 -36.46 25.50 52.37
N GLU F 31 -35.28 26.11 52.31
CA GLU F 31 -34.28 25.77 51.31
C GLU F 31 -33.83 24.30 51.43
N VAL F 32 -33.43 23.91 52.65
CA VAL F 32 -32.97 22.55 52.89
C VAL F 32 -34.06 21.53 52.58
N VAL F 33 -35.29 21.83 52.99
CA VAL F 33 -36.43 20.97 52.72
C VAL F 33 -36.64 20.81 51.22
N GLU F 34 -36.53 21.92 50.49
CA GLU F 34 -36.68 21.89 49.04
C GLU F 34 -35.59 21.06 48.36
N GLU F 35 -34.36 21.19 48.85
CA GLU F 35 -33.23 20.50 48.23
C GLU F 35 -33.27 18.98 48.40
N LYS F 36 -33.56 18.52 49.61
CA LYS F 36 -33.56 17.08 49.89
C LYS F 36 -34.87 16.40 49.50
N ASN F 37 -35.83 17.19 49.04
CA ASN F 37 -37.14 16.67 48.66
C ASN F 37 -37.81 15.85 49.76
N ILE F 38 -38.22 16.52 50.82
CA ILE F 38 -38.88 15.84 51.93
C ILE F 38 -40.33 15.55 51.56
N LYS F 39 -40.68 14.26 51.56
CA LYS F 39 -42.02 13.83 51.20
C LYS F 39 -42.87 13.64 52.45
N ASN F 40 -42.44 12.69 53.29
CA ASN F 40 -43.15 12.35 54.52
C ASN F 40 -43.43 13.55 55.42
N LYS F 41 -44.64 13.58 55.98
CA LYS F 41 -45.08 14.68 56.83
C LYS F 41 -44.35 14.70 58.17
N ASP F 42 -44.26 13.52 58.79
CA ASP F 42 -43.66 13.39 60.12
C ASP F 42 -42.21 13.84 60.15
N ALA F 43 -41.48 13.56 59.08
CA ALA F 43 -40.08 14.00 58.98
C ALA F 43 -40.00 15.52 58.99
N TYR F 44 -40.84 16.14 58.17
CA TYR F 44 -40.94 17.60 58.12
C TYR F 44 -41.23 18.19 59.48
N GLU F 45 -42.38 17.82 60.04
CA GLU F 45 -42.81 18.29 61.36
C GLU F 45 -41.70 18.12 62.40
N TYR F 46 -41.15 16.92 62.48
CA TYR F 46 -40.09 16.61 63.44
C TYR F 46 -38.89 17.53 63.27
N ALA F 47 -38.25 17.48 62.10
CA ALA F 47 -37.10 18.34 61.80
C ALA F 47 -37.37 19.81 62.14
N LYS F 48 -38.58 20.28 61.83
CA LYS F 48 -38.97 21.65 62.15
C LYS F 48 -38.95 21.89 63.66
N LYS F 49 -39.50 20.94 64.41
CA LYS F 49 -39.51 21.05 65.87
C LYS F 49 -38.09 21.06 66.43
N LEU F 50 -37.22 20.24 65.84
CA LEU F 50 -35.82 20.19 66.24
C LEU F 50 -35.13 21.54 66.04
N VAL F 51 -35.27 22.08 64.82
CA VAL F 51 -34.67 23.38 64.50
C VAL F 51 -35.19 24.48 65.41
N ASP F 52 -36.51 24.51 65.62
CA ASP F 52 -37.12 25.53 66.47
C ASP F 52 -36.60 25.44 67.90
N THR F 53 -36.60 24.23 68.43
CA THR F 53 -36.13 23.96 69.79
C THR F 53 -34.67 24.39 69.95
N ALA F 54 -33.87 24.11 68.94
CA ALA F 54 -32.45 24.48 68.96
C ALA F 54 -32.26 25.99 68.93
N VAL F 55 -33.04 26.66 68.08
CA VAL F 55 -32.90 28.11 67.92
C VAL F 55 -33.37 28.88 69.14
N ARG F 56 -34.47 28.45 69.74
CA ARG F 56 -34.97 29.12 70.94
C ARG F 56 -33.99 29.06 72.12
N HIS F 57 -33.45 27.88 72.36
CA HIS F 57 -32.59 27.64 73.53
C HIS F 57 -31.10 27.83 73.26
N ILE F 58 -30.78 28.34 72.07
CA ILE F 58 -29.42 28.33 71.52
C ILE F 58 -28.30 28.77 72.49
N GLU F 59 -28.51 29.84 73.24
CA GLU F 59 -27.46 30.35 74.13
C GLU F 59 -27.23 29.42 75.32
N GLU F 60 -28.33 28.93 75.89
CA GLU F 60 -28.25 27.98 77.00
C GLU F 60 -27.56 26.71 76.53
N ILE F 61 -27.91 26.26 75.33
CA ILE F 61 -27.29 25.09 74.72
C ILE F 61 -25.78 25.30 74.58
N ASP F 62 -25.40 26.46 74.05
CA ASP F 62 -23.99 26.82 73.88
C ASP F 62 -23.25 26.81 75.21
N SER F 63 -23.92 27.25 76.27
CA SER F 63 -23.31 27.25 77.60
C SER F 63 -23.08 25.82 78.08
N ILE F 64 -24.13 25.01 77.99
CA ILE F 64 -24.06 23.61 78.40
C ILE F 64 -22.94 22.86 77.67
N ILE F 65 -22.85 23.10 76.37
CA ILE F 65 -21.80 22.47 75.56
C ILE F 65 -20.42 22.97 75.97
N GLU F 66 -20.29 24.28 76.10
CA GLU F 66 -19.00 24.90 76.41
C GLU F 66 -18.45 24.45 77.76
N LYS F 67 -19.35 24.17 78.71
CA LYS F 67 -18.94 23.68 80.02
C LYS F 67 -18.16 22.36 79.94
N HIS F 68 -18.55 21.50 79.00
CA HIS F 68 -17.92 20.19 78.84
C HIS F 68 -16.83 20.14 77.78
N LEU F 69 -16.53 21.29 77.19
CA LEU F 69 -15.49 21.39 76.16
C LEU F 69 -14.07 21.29 76.73
N LYS F 70 -13.97 21.20 78.05
CA LYS F 70 -12.70 21.13 78.76
C LYS F 70 -11.86 22.41 78.62
N GLY F 71 -12.53 23.56 78.58
CA GLY F 71 -11.85 24.83 78.61
C GLY F 71 -11.84 25.58 77.29
N TRP F 72 -12.27 24.92 76.23
CA TRP F 72 -12.29 25.53 74.91
C TRP F 72 -13.42 26.53 74.76
N SER F 73 -13.23 27.49 73.86
CA SER F 73 -14.30 28.40 73.47
C SER F 73 -15.13 27.71 72.39
N ILE F 74 -16.45 27.79 72.52
CA ILE F 74 -17.34 27.10 71.60
C ILE F 74 -17.24 27.65 70.18
N ASP F 75 -16.80 28.89 70.07
CA ASP F 75 -16.63 29.54 68.77
C ASP F 75 -15.47 28.92 67.98
N ARG F 76 -14.59 28.23 68.70
CA ARG F 76 -13.39 27.66 68.09
C ARG F 76 -13.59 26.23 67.59
N LEU F 77 -14.77 25.67 67.82
CA LEU F 77 -15.08 24.34 67.31
C LEU F 77 -15.37 24.42 65.82
N GLY F 78 -15.20 23.30 65.12
CA GLY F 78 -15.59 23.22 63.73
C GLY F 78 -17.11 23.32 63.64
N TYR F 79 -17.60 23.89 62.54
CA TYR F 79 -19.04 24.07 62.36
C TYR F 79 -19.80 22.76 62.52
N VAL F 80 -19.23 21.68 61.98
CA VAL F 80 -19.84 20.36 62.05
C VAL F 80 -19.99 19.89 63.50
N GLU F 81 -18.89 19.87 64.23
CA GLU F 81 -18.89 19.41 65.62
C GLU F 81 -19.79 20.29 66.48
N ARG F 82 -19.62 21.60 66.35
CA ARG F 82 -20.39 22.56 67.13
C ARG F 82 -21.89 22.42 66.91
N ASN F 83 -22.33 22.44 65.65
CA ASN F 83 -23.75 22.35 65.34
C ASN F 83 -24.37 20.97 65.63
N ALA F 84 -23.59 19.91 65.42
CA ALA F 84 -24.06 18.58 65.76
C ALA F 84 -24.27 18.47 67.26
N LEU F 85 -23.34 19.04 68.03
CA LEU F 85 -23.46 19.09 69.48
C LEU F 85 -24.69 19.90 69.88
N ARG F 86 -24.91 21.01 69.18
CA ARG F 86 -26.08 21.84 69.42
C ARG F 86 -27.37 21.04 69.26
N LEU F 87 -27.51 20.38 68.12
CA LEU F 87 -28.68 19.56 67.85
C LEU F 87 -28.86 18.46 68.89
N GLY F 88 -27.76 17.77 69.18
CA GLY F 88 -27.77 16.68 70.13
C GLY F 88 -28.27 17.12 71.50
N VAL F 89 -27.69 18.20 72.00
CA VAL F 89 -28.11 18.76 73.29
C VAL F 89 -29.56 19.21 73.25
N ALA F 90 -29.97 19.81 72.13
CA ALA F 90 -31.35 20.25 71.96
C ALA F 90 -32.33 19.11 72.15
N GLU F 91 -32.16 18.05 71.35
CA GLU F 91 -33.08 16.91 71.42
C GLU F 91 -32.98 16.15 72.73
N LEU F 92 -31.76 15.85 73.16
CA LEU F 92 -31.56 15.06 74.37
C LEU F 92 -32.06 15.75 75.63
N ILE F 93 -31.79 17.04 75.75
CA ILE F 93 -32.16 17.78 76.95
C ILE F 93 -33.52 18.48 76.83
N PHE F 94 -33.62 19.41 75.90
CA PHE F 94 -34.80 20.28 75.83
C PHE F 94 -36.04 19.60 75.27
N LEU F 95 -35.85 18.58 74.43
CA LEU F 95 -36.98 17.77 73.97
C LEU F 95 -37.13 16.51 74.81
N LYS F 96 -36.18 16.29 75.72
CA LYS F 96 -36.21 15.15 76.64
C LYS F 96 -36.45 13.81 75.93
N SER F 97 -35.65 13.54 74.91
CA SER F 97 -35.82 12.34 74.09
C SER F 97 -35.81 11.05 74.92
N LYS F 98 -36.78 10.19 74.66
CA LYS F 98 -36.91 8.92 75.38
C LYS F 98 -36.04 7.85 74.74
N GLU F 99 -35.36 8.22 73.66
CA GLU F 99 -34.46 7.30 72.97
C GLU F 99 -33.06 7.91 72.83
N PRO F 100 -32.37 8.11 73.96
CA PRO F 100 -31.08 8.82 73.95
C PRO F 100 -30.01 8.10 73.15
N GLY F 101 -29.91 6.79 73.31
CA GLY F 101 -28.94 5.99 72.58
C GLY F 101 -29.03 6.21 71.09
N ARG F 102 -30.26 6.21 70.57
CA ARG F 102 -30.49 6.39 69.15
C ARG F 102 -30.09 7.78 68.69
N VAL F 103 -30.33 8.77 69.55
CA VAL F 103 -29.92 10.14 69.28
C VAL F 103 -28.40 10.22 69.16
N PHE F 104 -27.70 9.59 70.10
CA PHE F 104 -26.25 9.49 70.06
C PHE F 104 -25.81 8.89 68.75
N ILE F 105 -26.44 7.77 68.38
CA ILE F 105 -26.16 7.09 67.13
C ILE F 105 -26.25 8.03 65.92
N ASP F 106 -27.45 8.57 65.70
CA ASP F 106 -27.70 9.46 64.57
C ASP F 106 -26.75 10.65 64.53
N ILE F 107 -26.57 11.30 65.67
CA ILE F 107 -25.69 12.47 65.75
C ILE F 107 -24.24 12.13 65.39
N VAL F 108 -23.68 11.14 66.06
CA VAL F 108 -22.31 10.71 65.80
C VAL F 108 -22.13 10.29 64.33
N ASP F 109 -23.11 9.59 63.78
CA ASP F 109 -23.09 9.21 62.38
C ASP F 109 -23.05 10.43 61.47
N LEU F 110 -23.85 11.44 61.81
CA LEU F 110 -23.84 12.70 61.07
C LEU F 110 -22.47 13.35 61.11
N VAL F 111 -21.82 13.27 62.27
CA VAL F 111 -20.49 13.84 62.43
C VAL F 111 -19.49 13.09 61.54
N LYS F 112 -19.64 11.77 61.49
CA LYS F 112 -18.75 10.94 60.68
C LYS F 112 -19.00 11.10 59.18
N LYS F 113 -20.18 11.57 58.82
CA LYS F 113 -20.50 11.80 57.41
C LYS F 113 -19.87 13.08 56.86
N TYR F 114 -20.04 14.18 57.60
CA TYR F 114 -19.60 15.50 57.11
C TYR F 114 -18.21 15.86 57.64
N ALA F 115 -17.63 14.97 58.43
CA ALA F 115 -16.26 15.14 58.90
C ALA F 115 -15.68 13.76 59.20
N ASP F 116 -14.41 13.73 59.60
CA ASP F 116 -13.76 12.46 59.91
C ASP F 116 -14.26 11.85 61.21
N GLU F 117 -14.07 10.55 61.37
CA GLU F 117 -14.49 9.82 62.55
C GLU F 117 -13.76 10.34 63.79
N LYS F 118 -12.59 10.95 63.54
CA LYS F 118 -11.80 11.60 64.58
C LYS F 118 -12.62 12.65 65.33
N ALA F 119 -13.47 13.36 64.59
CA ALA F 119 -14.39 14.31 65.22
C ALA F 119 -15.59 13.56 65.80
N GLY F 120 -15.90 12.40 65.23
CA GLY F 120 -17.00 11.58 65.68
C GLY F 120 -16.87 11.13 67.12
N LYS F 121 -15.72 10.52 67.45
CA LYS F 121 -15.48 10.07 68.81
C LYS F 121 -15.45 11.24 69.79
N PHE F 122 -14.96 12.38 69.33
CA PHE F 122 -14.91 13.59 70.14
C PHE F 122 -16.31 14.06 70.51
N VAL F 123 -17.16 14.22 69.51
CA VAL F 123 -18.55 14.62 69.71
C VAL F 123 -19.28 13.61 70.58
N ASN F 124 -18.97 12.33 70.38
CA ASN F 124 -19.55 11.27 71.19
C ASN F 124 -19.16 11.45 72.67
N GLY F 125 -17.91 11.80 72.91
CA GLY F 125 -17.41 11.99 74.25
C GLY F 125 -18.04 13.18 74.94
N VAL F 126 -18.04 14.32 74.26
CA VAL F 126 -18.64 15.53 74.78
C VAL F 126 -20.12 15.32 75.09
N LEU F 127 -20.82 14.67 74.16
CA LEU F 127 -22.24 14.39 74.32
C LEU F 127 -22.48 13.47 75.51
N SER F 128 -21.62 12.47 75.67
CA SER F 128 -21.71 11.54 76.79
C SER F 128 -21.54 12.28 78.12
N ALA F 129 -20.56 13.17 78.18
CA ALA F 129 -20.32 13.95 79.38
C ALA F 129 -21.51 14.83 79.72
N ILE F 130 -21.99 15.55 78.70
CA ILE F 130 -23.16 16.43 78.86
C ILE F 130 -24.38 15.67 79.37
N TYR F 131 -24.65 14.51 78.79
CA TYR F 131 -25.81 13.72 79.18
C TYR F 131 -25.66 13.16 80.59
N LYS F 132 -24.46 12.66 80.90
CA LYS F 132 -24.18 12.16 82.24
C LYS F 132 -24.37 13.25 83.29
N ALA F 133 -24.04 14.49 82.92
CA ALA F 133 -24.25 15.62 83.81
C ALA F 133 -25.72 15.96 83.92
N TYR F 134 -26.45 15.80 82.82
CA TYR F 134 -27.87 16.10 82.77
C TYR F 134 -28.69 15.13 83.63
N ILE F 135 -28.23 13.89 83.70
CA ILE F 135 -28.92 12.86 84.49
C ILE F 135 -28.94 13.23 85.97
N THR F 136 -27.81 13.73 86.46
CA THR F 136 -27.68 14.09 87.88
C THR F 136 -28.05 15.55 88.17
N SER F 137 -28.50 16.26 87.14
CA SER F 137 -28.87 17.66 87.28
C SER F 137 -30.07 17.86 88.20
N SER F 138 -31.16 17.18 87.88
CA SER F 138 -32.40 17.31 88.64
C SER F 138 -32.52 16.25 89.74
N MET G 1 27.11 -17.02 -40.68
CA MET G 1 26.64 -15.65 -40.50
C MET G 1 25.82 -15.47 -39.21
N ARG G 2 24.60 -14.95 -39.35
CA ARG G 2 23.77 -14.60 -38.21
C ARG G 2 23.00 -15.75 -37.56
N TYR G 3 22.66 -16.77 -38.35
CA TYR G 3 21.83 -17.89 -37.87
C TYR G 3 22.45 -18.66 -36.70
N ARG G 4 23.75 -18.46 -36.50
CA ARG G 4 24.52 -19.19 -35.51
C ARG G 4 23.97 -19.05 -34.09
N LYS G 5 23.64 -17.82 -33.69
CA LYS G 5 23.11 -17.58 -32.34
C LYS G 5 21.82 -18.36 -32.07
N GLY G 6 20.88 -18.27 -33.01
CA GLY G 6 19.63 -18.99 -32.90
C GLY G 6 19.84 -20.49 -32.85
N ALA G 7 20.74 -20.97 -33.71
CA ALA G 7 21.10 -22.39 -33.70
C ALA G 7 21.62 -22.82 -32.34
N ARG G 8 22.45 -21.99 -31.73
CA ARG G 8 23.03 -22.28 -30.43
C ARG G 8 21.98 -22.30 -29.33
N ASP G 9 21.03 -21.37 -29.41
CA ASP G 9 19.91 -21.33 -28.47
C ASP G 9 19.10 -22.62 -28.56
N THR G 10 18.69 -22.97 -29.78
CA THR G 10 17.93 -24.20 -30.01
C THR G 10 18.66 -25.42 -29.47
N ALA G 11 19.95 -25.53 -29.81
CA ALA G 11 20.76 -26.65 -29.36
C ALA G 11 20.81 -26.72 -27.84
N PHE G 12 20.95 -25.56 -27.21
CA PHE G 12 21.00 -25.50 -25.76
C PHE G 12 19.69 -25.98 -25.14
N LEU G 13 18.56 -25.54 -25.69
CA LEU G 13 17.27 -26.03 -25.21
C LEU G 13 17.19 -27.55 -25.33
N VAL G 14 17.56 -28.06 -26.50
CA VAL G 14 17.52 -29.50 -26.74
C VAL G 14 18.37 -30.29 -25.74
N LEU G 15 19.58 -29.80 -25.47
CA LEU G 15 20.46 -30.48 -24.53
C LEU G 15 19.95 -30.40 -23.09
N TYR G 16 19.49 -29.22 -22.70
CA TYR G 16 18.93 -28.99 -21.38
C TYR G 16 17.77 -29.94 -21.09
N ARG G 17 16.87 -30.06 -22.05
CA ARG G 17 15.71 -30.94 -21.87
C ARG G 17 16.10 -32.40 -22.01
N TRP G 18 17.12 -32.70 -22.81
CA TRP G 18 17.62 -34.06 -22.97
C TRP G 18 18.18 -34.56 -21.64
N ASP G 19 18.89 -33.69 -20.94
CA ASP G 19 19.48 -34.05 -19.66
C ASP G 19 18.41 -34.10 -18.58
N LEU G 20 17.55 -33.08 -18.56
CA LEU G 20 16.51 -32.98 -17.55
C LEU G 20 15.37 -33.98 -17.70
N ARG G 21 14.76 -34.02 -18.88
CA ARG G 21 13.56 -34.82 -19.11
C ARG G 21 13.86 -36.24 -19.59
N GLY G 22 15.10 -36.49 -20.00
CA GLY G 22 15.51 -37.81 -20.47
C GLY G 22 14.82 -38.26 -21.75
N GLU G 23 14.09 -37.35 -22.40
CA GLU G 23 13.39 -37.66 -23.64
C GLU G 23 14.34 -37.75 -24.82
N ASN G 24 13.91 -38.40 -25.89
CA ASN G 24 14.69 -38.55 -27.11
C ASN G 24 15.10 -37.20 -27.71
N PRO G 25 16.39 -37.04 -28.05
CA PRO G 25 16.97 -35.83 -28.62
C PRO G 25 16.26 -35.35 -29.88
N GLY G 26 15.90 -36.26 -30.78
CA GLY G 26 15.22 -35.91 -32.00
C GLY G 26 13.82 -35.38 -31.76
N GLU G 27 13.09 -36.05 -30.86
CA GLU G 27 11.74 -35.63 -30.48
C GLU G 27 11.75 -34.25 -29.83
N LEU G 28 12.70 -34.04 -28.92
CA LEU G 28 12.85 -32.76 -28.26
C LEU G 28 13.26 -31.68 -29.26
N PHE G 29 14.03 -32.08 -30.27
CA PHE G 29 14.42 -31.16 -31.34
C PHE G 29 13.18 -30.71 -32.09
N LYS G 30 12.31 -31.67 -32.42
CA LYS G 30 11.04 -31.37 -33.06
C LYS G 30 10.21 -30.41 -32.20
N GLU G 31 10.15 -30.69 -30.91
CA GLU G 31 9.41 -29.85 -29.98
C GLU G 31 9.91 -28.42 -29.97
N VAL G 32 11.21 -28.25 -29.76
CA VAL G 32 11.82 -26.92 -29.69
C VAL G 32 11.65 -26.15 -30.99
N VAL G 33 11.91 -26.81 -32.11
CA VAL G 33 11.74 -26.20 -33.43
C VAL G 33 10.31 -25.75 -33.67
N GLU G 34 9.35 -26.61 -33.32
CA GLU G 34 7.94 -26.28 -33.52
C GLU G 34 7.47 -25.13 -32.62
N GLU G 35 7.92 -25.13 -31.37
CA GLU G 35 7.46 -24.13 -30.40
C GLU G 35 8.14 -22.78 -30.61
N LYS G 36 9.35 -22.80 -31.16
CA LYS G 36 10.08 -21.57 -31.43
C LYS G 36 9.67 -20.97 -32.77
N ASN G 37 8.88 -21.74 -33.53
CA ASN G 37 8.46 -21.36 -34.87
C ASN G 37 9.67 -21.12 -35.78
N ILE G 38 10.61 -22.05 -35.76
CA ILE G 38 11.79 -21.97 -36.60
C ILE G 38 11.46 -22.37 -38.03
N LYS G 39 11.92 -21.56 -38.98
CA LYS G 39 11.61 -21.76 -40.39
C LYS G 39 12.88 -21.80 -41.24
N ASN G 40 13.65 -20.72 -41.19
CA ASN G 40 14.86 -20.57 -41.99
C ASN G 40 15.77 -21.78 -41.92
N LYS G 41 16.21 -22.25 -43.09
CA LYS G 41 16.90 -23.52 -43.23
C LYS G 41 18.25 -23.59 -42.51
N ASP G 42 19.05 -22.53 -42.65
CA ASP G 42 20.39 -22.49 -42.07
C ASP G 42 20.37 -22.72 -40.56
N ALA G 43 19.47 -22.02 -39.88
CA ALA G 43 19.33 -22.16 -38.44
C ALA G 43 18.91 -23.57 -38.05
N TYR G 44 17.97 -24.13 -38.82
CA TYR G 44 17.46 -25.47 -38.56
C TYR G 44 18.56 -26.52 -38.67
N GLU G 45 19.26 -26.51 -39.80
CA GLU G 45 20.31 -27.49 -40.07
C GLU G 45 21.51 -27.31 -39.14
N TYR G 46 21.84 -26.06 -38.82
CA TYR G 46 22.96 -25.78 -37.92
C TYR G 46 22.63 -26.25 -36.52
N ALA G 47 21.39 -26.02 -36.08
CA ALA G 47 20.94 -26.49 -34.78
C ALA G 47 20.97 -28.00 -34.73
N LYS G 48 20.52 -28.64 -35.80
CA LYS G 48 20.53 -30.09 -35.89
C LYS G 48 21.95 -30.65 -35.81
N LYS G 49 22.89 -29.99 -36.50
CA LYS G 49 24.29 -30.43 -36.48
C LYS G 49 24.91 -30.24 -35.10
N LEU G 50 24.55 -29.15 -34.44
CA LEU G 50 25.01 -28.88 -33.08
C LEU G 50 24.52 -29.95 -32.11
N VAL G 51 23.22 -30.24 -32.17
CA VAL G 51 22.62 -31.25 -31.32
C VAL G 51 23.22 -32.63 -31.57
N ASP G 52 23.39 -32.99 -32.85
CA ASP G 52 23.96 -34.28 -33.20
C ASP G 52 25.41 -34.41 -32.76
N THR G 53 26.17 -33.32 -32.89
CA THR G 53 27.58 -33.31 -32.49
C THR G 53 27.69 -33.29 -30.97
N ALA G 54 26.62 -32.88 -30.30
CA ALA G 54 26.57 -32.89 -28.84
C ALA G 54 26.20 -34.27 -28.30
N VAL G 55 25.26 -34.95 -28.95
CA VAL G 55 24.77 -36.25 -28.49
C VAL G 55 25.81 -37.32 -28.77
N ARG G 56 26.12 -37.53 -30.04
CA ARG G 56 27.32 -38.28 -30.39
C ARG G 56 28.48 -37.48 -29.80
N HIS G 57 29.45 -38.19 -29.21
CA HIS G 57 30.60 -37.58 -28.51
C HIS G 57 30.31 -37.11 -27.08
N ILE G 58 29.07 -37.25 -26.63
CA ILE G 58 28.65 -36.74 -25.31
C ILE G 58 29.55 -37.15 -24.14
N GLU G 59 30.00 -38.40 -24.12
CA GLU G 59 30.79 -38.90 -23.01
C GLU G 59 32.21 -38.33 -23.05
N GLU G 60 32.75 -38.21 -24.27
CA GLU G 60 34.05 -37.62 -24.47
C GLU G 60 34.05 -36.19 -23.95
N ILE G 61 33.00 -35.45 -24.31
CA ILE G 61 32.81 -34.09 -23.85
C ILE G 61 32.73 -34.03 -22.32
N ASP G 62 31.86 -34.87 -21.76
CA ASP G 62 31.71 -34.96 -20.30
C ASP G 62 33.05 -35.16 -19.61
N SER G 63 33.88 -36.03 -20.16
CA SER G 63 35.20 -36.27 -19.60
C SER G 63 36.05 -35.01 -19.69
N ILE G 64 36.03 -34.38 -20.87
CA ILE G 64 36.79 -33.15 -21.09
C ILE G 64 36.46 -32.06 -20.07
N ILE G 65 35.18 -31.78 -19.86
CA ILE G 65 34.78 -30.78 -18.88
C ILE G 65 35.04 -31.25 -17.46
N GLU G 66 34.95 -32.55 -17.23
CA GLU G 66 35.15 -33.10 -15.90
C GLU G 66 36.61 -33.04 -15.49
N LYS G 67 37.49 -32.90 -16.48
CA LYS G 67 38.92 -32.75 -16.20
C LYS G 67 39.21 -31.40 -15.56
N HIS G 68 38.44 -30.38 -15.94
CA HIS G 68 38.69 -29.02 -15.47
C HIS G 68 37.86 -28.64 -14.24
N LEU G 69 37.09 -29.59 -13.72
CA LEU G 69 36.28 -29.33 -12.53
C LEU G 69 37.06 -29.63 -11.25
N LYS G 70 38.33 -29.98 -11.42
CA LYS G 70 39.23 -30.25 -10.30
C LYS G 70 38.74 -31.42 -9.43
N GLY G 71 38.40 -32.51 -10.08
CA GLY G 71 37.99 -33.72 -9.38
C GLY G 71 36.49 -33.77 -9.10
N TRP G 72 35.80 -32.68 -9.40
CA TRP G 72 34.38 -32.60 -9.13
C TRP G 72 33.56 -33.29 -10.20
N SER G 73 32.66 -34.19 -9.78
CA SER G 73 31.78 -34.88 -10.71
C SER G 73 30.83 -33.89 -11.36
N ILE G 74 30.53 -34.11 -12.64
CA ILE G 74 29.79 -33.14 -13.44
C ILE G 74 28.35 -32.94 -13.00
N ASP G 75 27.80 -33.90 -12.27
CA ASP G 75 26.43 -33.80 -11.77
C ASP G 75 26.32 -32.79 -10.63
N ARG G 76 27.46 -32.28 -10.18
CA ARG G 76 27.50 -31.31 -9.10
C ARG G 76 27.29 -29.88 -9.59
N LEU G 77 27.15 -29.73 -10.90
CA LEU G 77 26.88 -28.42 -11.47
C LEU G 77 25.39 -28.24 -11.72
N GLY G 78 25.00 -27.07 -12.19
CA GLY G 78 23.61 -26.83 -12.53
C GLY G 78 23.31 -27.36 -13.92
N TYR G 79 22.03 -27.58 -14.21
CA TYR G 79 21.62 -28.06 -15.53
C TYR G 79 22.07 -27.12 -16.63
N VAL G 80 21.77 -25.84 -16.44
CA VAL G 80 22.15 -24.80 -17.38
C VAL G 80 23.66 -24.77 -17.60
N GLU G 81 24.40 -24.66 -16.50
CA GLU G 81 25.86 -24.62 -16.55
C GLU G 81 26.43 -25.83 -17.28
N ARG G 82 26.06 -27.02 -16.82
CA ARG G 82 26.50 -28.28 -17.42
C ARG G 82 26.23 -28.34 -18.92
N ASN G 83 24.95 -28.31 -19.30
CA ASN G 83 24.58 -28.43 -20.70
C ASN G 83 25.17 -27.35 -21.61
N ALA G 84 25.24 -26.12 -21.12
CA ALA G 84 25.86 -25.04 -21.88
C ALA G 84 27.33 -25.30 -22.08
N LEU G 85 27.99 -25.84 -21.06
CA LEU G 85 29.39 -26.23 -21.17
C LEU G 85 29.57 -27.35 -22.19
N ARG G 86 28.61 -28.28 -22.22
CA ARG G 86 28.63 -29.36 -23.19
C ARG G 86 28.55 -28.83 -24.62
N LEU G 87 27.56 -27.97 -24.86
CA LEU G 87 27.40 -27.35 -26.18
C LEU G 87 28.64 -26.56 -26.57
N GLY G 88 29.15 -25.77 -25.63
CA GLY G 88 30.34 -24.97 -25.84
C GLY G 88 31.54 -25.81 -26.25
N VAL G 89 31.78 -26.90 -25.52
CA VAL G 89 32.88 -27.80 -25.85
C VAL G 89 32.68 -28.45 -27.22
N ALA G 90 31.45 -28.87 -27.49
CA ALA G 90 31.12 -29.47 -28.78
C ALA G 90 31.47 -28.54 -29.93
N GLU G 91 30.95 -27.32 -29.88
CA GLU G 91 31.19 -26.34 -30.94
C GLU G 91 32.64 -25.91 -31.05
N LEU G 92 33.26 -25.55 -29.93
CA LEU G 92 34.63 -25.06 -29.92
C LEU G 92 35.62 -26.11 -30.40
N ILE G 93 35.50 -27.31 -29.84
CA ILE G 93 36.46 -28.38 -30.14
C ILE G 93 36.05 -29.25 -31.32
N PHE G 94 34.94 -29.96 -31.16
CA PHE G 94 34.57 -31.01 -32.10
C PHE G 94 34.21 -30.51 -33.51
N LEU G 95 33.61 -29.33 -33.58
CA LEU G 95 33.34 -28.71 -34.88
C LEU G 95 34.43 -27.71 -35.27
N LYS G 96 35.37 -27.49 -34.35
CA LYS G 96 36.46 -26.53 -34.56
C LYS G 96 35.99 -25.18 -35.08
N SER G 97 35.30 -24.42 -34.23
CA SER G 97 34.77 -23.12 -34.64
C SER G 97 35.88 -22.14 -34.99
N LYS G 98 35.72 -21.45 -36.12
CA LYS G 98 36.69 -20.47 -36.57
C LYS G 98 36.42 -19.13 -35.90
N GLU G 99 35.39 -19.09 -35.06
CA GLU G 99 35.00 -17.88 -34.35
C GLU G 99 34.84 -18.19 -32.86
N PRO G 100 35.96 -18.54 -32.19
CA PRO G 100 35.91 -19.01 -30.80
C PRO G 100 35.33 -17.96 -29.86
N GLY G 101 35.81 -16.72 -29.97
CA GLY G 101 35.37 -15.65 -29.12
C GLY G 101 33.88 -15.41 -29.25
N ARG G 102 33.38 -15.49 -30.48
CA ARG G 102 31.97 -15.32 -30.76
C ARG G 102 31.15 -16.37 -30.01
N VAL G 103 31.61 -17.62 -30.12
CA VAL G 103 30.98 -18.74 -29.43
C VAL G 103 30.96 -18.48 -27.93
N PHE G 104 32.09 -18.00 -27.39
CA PHE G 104 32.16 -17.64 -25.98
C PHE G 104 31.10 -16.62 -25.60
N ILE G 105 31.04 -15.51 -26.34
CA ILE G 105 30.05 -14.47 -26.09
C ILE G 105 28.63 -15.01 -26.08
N ASP G 106 28.27 -15.76 -27.12
CA ASP G 106 26.91 -16.29 -27.23
C ASP G 106 26.56 -17.28 -26.12
N ILE G 107 27.47 -18.19 -25.85
CA ILE G 107 27.27 -19.19 -24.81
C ILE G 107 27.10 -18.55 -23.45
N VAL G 108 28.03 -17.68 -23.08
CA VAL G 108 27.96 -16.97 -21.81
C VAL G 108 26.65 -16.17 -21.72
N ASP G 109 26.25 -15.56 -22.84
CA ASP G 109 24.97 -14.86 -22.89
C ASP G 109 23.82 -15.79 -22.55
N LEU G 110 23.82 -16.98 -23.14
CA LEU G 110 22.78 -17.97 -22.87
C LEU G 110 22.77 -18.39 -21.40
N VAL G 111 23.96 -18.52 -20.83
CA VAL G 111 24.07 -18.92 -19.43
C VAL G 111 23.51 -17.83 -18.50
N LYS G 112 23.86 -16.57 -18.77
CA LYS G 112 23.32 -15.46 -18.00
C LYS G 112 21.81 -15.43 -18.11
N LYS G 113 21.32 -15.58 -19.34
CA LYS G 113 19.90 -15.52 -19.64
C LYS G 113 19.09 -16.59 -18.91
N TYR G 114 19.50 -17.85 -19.05
CA TYR G 114 18.73 -18.95 -18.49
C TYR G 114 18.98 -19.21 -17.01
N ALA G 115 20.09 -18.72 -16.48
CA ALA G 115 20.38 -18.90 -15.05
C ALA G 115 20.58 -17.57 -14.31
N ASP G 116 21.76 -16.99 -14.46
CA ASP G 116 22.14 -15.76 -13.76
C ASP G 116 23.58 -15.34 -14.10
N GLU G 117 23.99 -14.20 -13.56
CA GLU G 117 25.31 -13.63 -13.82
C GLU G 117 26.46 -14.54 -13.38
N LYS G 118 26.40 -14.99 -12.13
CA LYS G 118 27.45 -15.81 -11.55
C LYS G 118 27.67 -17.10 -12.32
N ALA G 119 26.58 -17.72 -12.76
CA ALA G 119 26.65 -18.92 -13.59
C ALA G 119 27.38 -18.59 -14.88
N GLY G 120 27.14 -17.40 -15.40
CA GLY G 120 27.80 -16.93 -16.60
C GLY G 120 29.29 -16.80 -16.41
N LYS G 121 29.70 -16.21 -15.29
CA LYS G 121 31.12 -16.08 -14.98
C LYS G 121 31.78 -17.44 -14.80
N PHE G 122 31.10 -18.35 -14.11
CA PHE G 122 31.58 -19.70 -13.90
C PHE G 122 31.82 -20.43 -15.23
N VAL G 123 30.79 -20.49 -16.05
CA VAL G 123 30.86 -21.11 -17.37
C VAL G 123 31.95 -20.48 -18.22
N ASN G 124 32.05 -19.16 -18.14
CA ASN G 124 33.09 -18.43 -18.85
C ASN G 124 34.49 -18.89 -18.45
N GLY G 125 34.75 -18.92 -17.15
CA GLY G 125 36.03 -19.36 -16.64
C GLY G 125 36.38 -20.78 -17.05
N VAL G 126 35.45 -21.70 -16.78
CA VAL G 126 35.66 -23.11 -17.11
C VAL G 126 35.94 -23.32 -18.59
N LEU G 127 35.07 -22.78 -19.43
CA LEU G 127 35.20 -22.95 -20.88
C LEU G 127 36.48 -22.31 -21.40
N SER G 128 36.86 -21.17 -20.81
CA SER G 128 38.10 -20.50 -21.18
C SER G 128 39.30 -21.39 -20.87
N ALA G 129 39.29 -22.01 -19.69
CA ALA G 129 40.35 -22.93 -19.30
C ALA G 129 40.42 -24.12 -20.27
N ILE G 130 39.26 -24.66 -20.60
CA ILE G 130 39.15 -25.77 -21.55
C ILE G 130 39.75 -25.42 -22.92
N TYR G 131 39.41 -24.24 -23.42
CA TYR G 131 39.90 -23.83 -24.74
C TYR G 131 41.39 -23.53 -24.70
N LYS G 132 41.86 -23.03 -23.56
CA LYS G 132 43.29 -22.79 -23.38
C LYS G 132 44.05 -24.12 -23.38
N ALA G 133 43.41 -25.15 -22.85
CA ALA G 133 44.00 -26.48 -22.87
C ALA G 133 43.96 -27.09 -24.26
N TYR G 134 42.92 -26.76 -25.02
CA TYR G 134 42.74 -27.30 -26.35
C TYR G 134 43.68 -26.71 -27.40
N ILE G 135 43.78 -25.38 -27.42
CA ILE G 135 44.54 -24.70 -28.48
C ILE G 135 46.03 -25.02 -28.44
N THR G 136 46.55 -25.23 -27.24
CA THR G 136 47.94 -25.62 -27.04
C THR G 136 48.10 -27.12 -26.90
N SER G 137 47.08 -27.87 -27.32
CA SER G 137 47.25 -29.30 -27.50
C SER G 137 48.10 -29.54 -28.76
N SER G 138 48.32 -28.48 -29.51
CA SER G 138 49.15 -28.52 -30.71
C SER G 138 50.61 -28.28 -30.35
N TYR H 3 2.09 -15.88 -2.88
CA TYR H 3 2.98 -16.97 -3.25
C TYR H 3 2.20 -18.10 -3.91
N ARG H 4 0.87 -18.03 -3.81
CA ARG H 4 0.01 -19.09 -4.31
C ARG H 4 -0.08 -19.13 -5.83
N LYS H 5 0.03 -17.96 -6.47
CA LYS H 5 -0.11 -17.84 -7.92
C LYS H 5 0.90 -18.69 -8.67
N GLY H 6 2.18 -18.51 -8.35
CA GLY H 6 3.25 -19.26 -8.98
C GLY H 6 3.09 -20.75 -8.75
N ALA H 7 2.59 -21.11 -7.57
CA ALA H 7 2.31 -22.51 -7.24
C ALA H 7 1.23 -23.05 -8.16
N ARG H 8 0.23 -22.24 -8.44
CA ARG H 8 -0.87 -22.64 -9.32
C ARG H 8 -0.39 -22.80 -10.77
N ASP H 9 0.50 -21.90 -11.20
CA ASP H 9 1.08 -22.00 -12.54
C ASP H 9 1.89 -23.28 -12.67
N THR H 10 2.71 -23.53 -11.66
CA THR H 10 3.48 -24.76 -11.55
C THR H 10 2.59 -25.98 -11.69
N ALA H 11 1.64 -26.11 -10.76
CA ALA H 11 0.70 -27.23 -10.75
C ALA H 11 0.01 -27.41 -12.09
N PHE H 12 -0.38 -26.30 -12.70
CA PHE H 12 -1.03 -26.35 -14.01
C PHE H 12 -0.12 -26.98 -15.05
N LEU H 13 1.12 -26.49 -15.13
CA LEU H 13 2.08 -27.03 -16.07
C LEU H 13 2.35 -28.53 -15.84
N VAL H 14 2.45 -28.91 -14.58
CA VAL H 14 2.68 -30.31 -14.21
C VAL H 14 1.52 -31.19 -14.67
N LEU H 15 0.30 -30.79 -14.34
CA LEU H 15 -0.89 -31.54 -14.72
C LEU H 15 -1.01 -31.63 -16.23
N TYR H 16 -0.69 -30.53 -16.92
CA TYR H 16 -0.69 -30.48 -18.37
C TYR H 16 0.27 -31.52 -18.95
N ARG H 17 1.51 -31.51 -18.48
CA ARG H 17 2.49 -32.47 -18.97
C ARG H 17 2.14 -33.92 -18.62
N TRP H 18 1.42 -34.09 -17.51
CA TRP H 18 0.95 -35.42 -17.13
C TRP H 18 -0.10 -35.91 -18.13
N ASP H 19 -1.10 -35.07 -18.39
CA ASP H 19 -2.18 -35.42 -19.29
C ASP H 19 -1.69 -35.55 -20.73
N LEU H 20 -0.56 -34.92 -21.02
CA LEU H 20 0.00 -34.95 -22.37
C LEU H 20 0.90 -36.17 -22.57
N ARG H 21 2.00 -36.21 -21.83
CA ARG H 21 2.99 -37.28 -21.97
C ARG H 21 2.49 -38.60 -21.39
N GLY H 22 1.99 -38.56 -20.16
CA GLY H 22 1.47 -39.75 -19.52
C GLY H 22 2.43 -40.41 -18.56
N GLU H 23 3.53 -39.71 -18.26
CA GLU H 23 4.55 -40.24 -17.37
C GLU H 23 4.19 -40.02 -15.91
N ASN H 24 5.14 -40.32 -15.02
CA ASN H 24 4.91 -40.19 -13.59
C ASN H 24 4.91 -38.72 -13.14
N PRO H 25 3.82 -38.30 -12.47
CA PRO H 25 3.61 -36.92 -12.02
C PRO H 25 4.74 -36.35 -11.16
N GLY H 26 5.41 -37.20 -10.38
CA GLY H 26 6.48 -36.75 -9.51
C GLY H 26 7.68 -36.25 -10.29
N GLU H 27 8.14 -37.06 -11.23
CA GLU H 27 9.27 -36.71 -12.08
C GLU H 27 8.98 -35.45 -12.87
N LEU H 28 7.76 -35.38 -13.40
CA LEU H 28 7.30 -34.21 -14.16
C LEU H 28 7.33 -32.97 -13.27
N PHE H 29 6.92 -33.14 -12.02
CA PHE H 29 6.96 -32.07 -11.03
C PHE H 29 8.40 -31.59 -10.84
N LYS H 30 9.32 -32.54 -10.72
CA LYS H 30 10.73 -32.21 -10.57
C LYS H 30 11.23 -31.41 -11.76
N GLU H 31 10.83 -31.83 -12.96
CA GLU H 31 11.20 -31.17 -14.20
C GLU H 31 10.70 -29.72 -14.24
N VAL H 32 9.41 -29.54 -14.01
CA VAL H 32 8.81 -28.21 -14.02
C VAL H 32 9.44 -27.29 -12.97
N VAL H 33 9.67 -27.84 -11.79
CA VAL H 33 10.32 -27.08 -10.71
C VAL H 33 11.72 -26.65 -11.12
N GLU H 34 12.45 -27.56 -11.76
CA GLU H 34 13.80 -27.26 -12.23
C GLU H 34 13.81 -26.17 -13.30
N GLU H 35 12.83 -26.23 -14.21
CA GLU H 35 12.78 -25.29 -15.33
C GLU H 35 12.45 -23.86 -14.91
N LYS H 36 11.46 -23.70 -14.04
CA LYS H 36 11.03 -22.36 -13.63
C LYS H 36 11.87 -21.78 -12.50
N ASN H 37 12.83 -22.58 -12.01
CA ASN H 37 13.68 -22.16 -10.91
C ASN H 37 12.91 -21.69 -9.69
N ILE H 38 12.24 -22.61 -9.01
CA ILE H 38 11.47 -22.26 -7.83
C ILE H 38 12.41 -22.09 -6.63
N LYS H 39 12.40 -20.88 -6.06
CA LYS H 39 13.27 -20.56 -4.94
C LYS H 39 12.51 -20.75 -3.63
N ASN H 40 11.46 -19.96 -3.45
CA ASN H 40 10.66 -19.96 -2.24
C ASN H 40 10.14 -21.34 -1.86
N LYS H 41 10.19 -21.64 -0.56
CA LYS H 41 9.79 -22.95 -0.05
C LYS H 41 8.27 -23.14 -0.12
N ASP H 42 7.53 -22.12 0.29
CA ASP H 42 6.07 -22.19 0.36
C ASP H 42 5.44 -22.45 -1.01
N ALA H 43 6.02 -21.87 -2.06
CA ALA H 43 5.54 -22.08 -3.41
C ALA H 43 5.69 -23.56 -3.80
N TYR H 44 6.87 -24.10 -3.52
CA TYR H 44 7.16 -25.51 -3.76
C TYR H 44 6.16 -26.40 -3.05
N GLU H 45 6.13 -26.31 -1.72
CA GLU H 45 5.22 -27.09 -0.89
C GLU H 45 3.78 -27.01 -1.40
N TYR H 46 3.31 -25.77 -1.60
CA TYR H 46 1.95 -25.54 -2.07
C TYR H 46 1.67 -26.25 -3.39
N ALA H 47 2.40 -25.88 -4.44
CA ALA H 47 2.27 -26.50 -5.75
C ALA H 47 2.28 -28.03 -5.68
N LYS H 48 3.16 -28.58 -4.85
CA LYS H 48 3.23 -30.02 -4.65
C LYS H 48 1.92 -30.57 -4.08
N LYS H 49 1.38 -29.87 -3.08
CA LYS H 49 0.11 -30.27 -2.47
C LYS H 49 -1.03 -30.22 -3.49
N LEU H 50 -1.01 -29.19 -4.33
CA LEU H 50 -1.99 -29.05 -5.40
C LEU H 50 -1.95 -30.22 -6.37
N VAL H 51 -0.74 -30.53 -6.87
CA VAL H 51 -0.57 -31.63 -7.81
C VAL H 51 -1.00 -32.95 -7.19
N ASP H 52 -0.58 -33.21 -5.96
CA ASP H 52 -0.93 -34.44 -5.27
C ASP H 52 -2.44 -34.59 -5.10
N THR H 53 -3.06 -33.51 -4.62
CA THR H 53 -4.51 -33.48 -4.42
C THR H 53 -5.26 -33.74 -5.72
N ALA H 54 -4.75 -33.15 -6.80
CA ALA H 54 -5.37 -33.33 -8.11
C ALA H 54 -5.23 -34.77 -8.61
N VAL H 55 -4.06 -35.35 -8.42
CA VAL H 55 -3.77 -36.70 -8.91
C VAL H 55 -4.54 -37.77 -8.13
N ARG H 56 -4.64 -37.60 -6.82
CA ARG H 56 -5.38 -38.57 -6.01
C ARG H 56 -6.87 -38.64 -6.37
N HIS H 57 -7.49 -37.47 -6.51
CA HIS H 57 -8.93 -37.38 -6.71
C HIS H 57 -9.34 -37.30 -8.19
N ILE H 58 -8.37 -37.50 -9.09
CA ILE H 58 -8.51 -37.21 -10.51
C ILE H 58 -9.81 -37.68 -11.19
N GLU H 59 -10.23 -38.92 -10.91
CA GLU H 59 -11.43 -39.45 -11.57
C GLU H 59 -12.70 -38.77 -11.08
N GLU H 60 -12.78 -38.56 -9.76
CA GLU H 60 -13.90 -37.85 -9.17
C GLU H 60 -13.97 -36.43 -9.72
N ILE H 61 -12.81 -35.79 -9.81
CA ILE H 61 -12.71 -34.46 -10.38
C ILE H 61 -13.24 -34.44 -11.81
N ASP H 62 -12.79 -35.42 -12.61
CA ASP H 62 -13.24 -35.52 -14.00
C ASP H 62 -14.74 -35.70 -14.09
N SER H 63 -15.32 -36.44 -13.14
CA SER H 63 -16.76 -36.64 -13.12
C SER H 63 -17.47 -35.32 -12.83
N ILE H 64 -17.04 -34.65 -11.77
CA ILE H 64 -17.60 -33.36 -11.37
C ILE H 64 -17.56 -32.35 -12.52
N ILE H 65 -16.41 -32.29 -13.20
CA ILE H 65 -16.26 -31.39 -14.32
C ILE H 65 -17.18 -31.77 -15.47
N GLU H 66 -17.19 -33.06 -15.81
CA GLU H 66 -17.96 -33.54 -16.94
C GLU H 66 -19.46 -33.32 -16.76
N LYS H 67 -19.92 -33.36 -15.52
CA LYS H 67 -21.33 -33.11 -15.23
C LYS H 67 -21.78 -31.71 -15.68
N HIS H 68 -20.89 -30.74 -15.55
CA HIS H 68 -21.20 -29.35 -15.90
C HIS H 68 -20.76 -28.94 -17.31
N LEU H 69 -20.22 -29.90 -18.06
CA LEU H 69 -19.77 -29.65 -19.43
C LEU H 69 -20.92 -29.49 -20.42
N LYS H 70 -22.15 -29.66 -19.93
CA LYS H 70 -23.36 -29.58 -20.74
C LYS H 70 -23.46 -30.67 -21.80
N GLY H 71 -22.98 -31.86 -21.46
CA GLY H 71 -23.14 -33.02 -22.33
C GLY H 71 -21.89 -33.48 -23.05
N TRP H 72 -20.84 -32.66 -22.98
CA TRP H 72 -19.59 -32.99 -23.65
C TRP H 72 -18.81 -34.07 -22.91
N SER H 73 -17.98 -34.79 -23.66
CA SER H 73 -17.04 -35.73 -23.07
C SER H 73 -15.79 -34.95 -22.63
N ILE H 74 -15.31 -35.22 -21.43
CA ILE H 74 -14.18 -34.47 -20.88
C ILE H 74 -12.90 -34.71 -21.69
N ASP H 75 -12.84 -35.83 -22.39
CA ASP H 75 -11.68 -36.16 -23.22
C ASP H 75 -11.59 -35.26 -24.44
N ARG H 76 -12.71 -34.62 -24.78
CA ARG H 76 -12.80 -33.78 -25.97
C ARG H 76 -12.45 -32.32 -25.72
N LEU H 77 -12.20 -31.98 -24.46
CA LEU H 77 -11.77 -30.62 -24.13
C LEU H 77 -10.30 -30.43 -24.51
N GLY H 78 -9.91 -29.17 -24.72
CA GLY H 78 -8.52 -28.86 -24.95
C GLY H 78 -7.74 -29.14 -23.67
N TYR H 79 -6.48 -29.52 -23.81
CA TYR H 79 -5.64 -29.85 -22.66
C TYR H 79 -5.60 -28.70 -21.65
N VAL H 80 -5.52 -27.48 -22.16
CA VAL H 80 -5.48 -26.29 -21.31
C VAL H 80 -6.75 -26.15 -20.46
N GLU H 81 -7.90 -26.14 -21.13
CA GLU H 81 -9.18 -25.98 -20.45
C GLU H 81 -9.42 -27.13 -19.48
N ARG H 82 -9.22 -28.35 -19.96
CA ARG H 82 -9.44 -29.54 -19.14
C ARG H 82 -8.58 -29.56 -17.87
N ASN H 83 -7.27 -29.37 -18.03
CA ASN H 83 -6.36 -29.40 -16.89
C ASN H 83 -6.53 -28.21 -15.94
N ALA H 84 -6.83 -27.04 -16.49
CA ALA H 84 -7.08 -25.87 -15.65
C ALA H 84 -8.34 -26.11 -14.81
N LEU H 85 -9.35 -26.69 -15.43
CA LEU H 85 -10.57 -27.06 -14.72
C LEU H 85 -10.28 -28.09 -13.64
N ARG H 86 -9.42 -29.05 -13.97
CA ARG H 86 -8.99 -30.06 -13.00
C ARG H 86 -8.37 -29.42 -11.77
N LEU H 87 -7.39 -28.55 -11.99
CA LEU H 87 -6.71 -27.86 -10.90
C LEU H 87 -7.70 -27.02 -10.07
N GLY H 88 -8.54 -26.27 -10.78
CA GLY H 88 -9.52 -25.41 -10.14
C GLY H 88 -10.44 -26.18 -9.22
N VAL H 89 -11.01 -27.26 -9.73
CA VAL H 89 -11.89 -28.13 -8.95
C VAL H 89 -11.13 -28.74 -7.77
N ALA H 90 -9.89 -29.14 -8.01
CA ALA H 90 -9.06 -29.72 -6.96
C ALA H 90 -8.92 -28.77 -5.78
N GLU H 91 -8.44 -27.56 -6.03
CA GLU H 91 -8.23 -26.60 -4.96
C GLU H 91 -9.53 -26.10 -4.33
N LEU H 92 -10.50 -25.74 -5.16
CA LEU H 92 -11.76 -25.20 -4.69
C LEU H 92 -12.56 -26.20 -3.84
N ILE H 93 -12.62 -27.43 -4.30
CA ILE H 93 -13.42 -28.45 -3.62
C ILE H 93 -12.60 -29.28 -2.62
N PHE H 94 -11.62 -30.00 -3.11
CA PHE H 94 -10.92 -30.99 -2.29
C PHE H 94 -9.95 -30.36 -1.27
N LEU H 95 -9.42 -29.18 -1.59
CA LEU H 95 -8.61 -28.45 -0.61
C LEU H 95 -9.45 -27.42 0.13
N LYS H 96 -10.71 -27.27 -0.27
CA LYS H 96 -11.66 -26.36 0.36
C LYS H 96 -11.09 -24.95 0.56
N SER H 97 -10.58 -24.36 -0.52
CA SER H 97 -9.94 -23.05 -0.46
C SER H 97 -10.84 -21.98 0.13
N LYS H 98 -10.28 -21.21 1.06
CA LYS H 98 -11.03 -20.15 1.74
C LYS H 98 -10.99 -18.86 0.93
N GLU H 99 -10.29 -18.91 -0.21
CA GLU H 99 -10.21 -17.76 -1.10
C GLU H 99 -10.64 -18.14 -2.52
N PRO H 100 -11.92 -18.48 -2.69
CA PRO H 100 -12.41 -19.00 -3.98
C PRO H 100 -12.27 -18.00 -5.12
N GLY H 101 -12.62 -16.74 -4.86
CA GLY H 101 -12.53 -15.70 -5.87
C GLY H 101 -11.13 -15.62 -6.46
N ARG H 102 -10.13 -15.66 -5.59
CA ARG H 102 -8.74 -15.57 -6.03
C ARG H 102 -8.33 -16.78 -6.86
N VAL H 103 -8.86 -17.96 -6.49
CA VAL H 103 -8.64 -19.17 -7.25
C VAL H 103 -9.20 -19.03 -8.66
N PHE H 104 -10.43 -18.52 -8.74
CA PHE H 104 -11.06 -18.23 -10.03
C PHE H 104 -10.17 -17.31 -10.85
N ILE H 105 -9.71 -16.24 -10.22
CA ILE H 105 -8.81 -15.28 -10.85
C ILE H 105 -7.60 -15.96 -11.46
N ASP H 106 -6.78 -16.58 -10.62
CA ASP H 106 -5.56 -17.25 -11.05
C ASP H 106 -5.80 -18.27 -12.16
N ILE H 107 -6.81 -19.11 -11.98
CA ILE H 107 -7.12 -20.15 -12.95
C ILE H 107 -7.50 -19.56 -14.32
N VAL H 108 -8.47 -18.66 -14.32
CA VAL H 108 -8.91 -18.02 -15.56
C VAL H 108 -7.76 -17.29 -16.25
N ASP H 109 -6.92 -16.63 -15.46
CA ASP H 109 -5.74 -15.96 -16.00
C ASP H 109 -4.80 -16.95 -16.67
N LEU H 110 -4.61 -18.10 -16.03
CA LEU H 110 -3.79 -19.17 -16.60
C LEU H 110 -4.37 -19.64 -17.93
N VAL H 111 -5.69 -19.72 -18.00
CA VAL H 111 -6.36 -20.12 -19.24
C VAL H 111 -6.13 -19.09 -20.33
N LYS H 112 -6.18 -17.81 -19.95
CA LYS H 112 -5.98 -16.73 -20.90
C LYS H 112 -4.52 -16.60 -21.35
N LYS H 113 -3.60 -17.13 -20.55
CA LYS H 113 -2.19 -17.11 -20.91
C LYS H 113 -1.82 -18.16 -21.97
N TYR H 114 -2.25 -19.40 -21.74
CA TYR H 114 -1.86 -20.52 -22.59
C TYR H 114 -2.90 -20.80 -23.67
N ALA H 115 -3.97 -20.03 -23.67
CA ALA H 115 -4.98 -20.11 -24.72
C ALA H 115 -5.69 -18.76 -24.82
N ASP H 116 -6.62 -18.65 -25.77
CA ASP H 116 -7.35 -17.40 -25.96
C ASP H 116 -8.35 -17.15 -24.82
N GLU H 117 -8.74 -15.89 -24.67
CA GLU H 117 -9.70 -15.48 -23.64
C GLU H 117 -11.05 -16.15 -23.87
N LYS H 118 -11.28 -16.54 -25.13
CA LYS H 118 -12.47 -17.28 -25.54
C LYS H 118 -12.63 -18.55 -24.71
N ALA H 119 -11.50 -19.20 -24.41
CA ALA H 119 -11.51 -20.37 -23.54
C ALA H 119 -11.59 -19.93 -22.08
N GLY H 120 -11.09 -18.72 -21.81
CA GLY H 120 -11.10 -18.16 -20.47
C GLY H 120 -12.48 -18.00 -19.90
N LYS H 121 -13.37 -17.33 -20.65
CA LYS H 121 -14.74 -17.14 -20.19
C LYS H 121 -15.47 -18.48 -20.03
N PHE H 122 -15.14 -19.43 -20.91
CA PHE H 122 -15.72 -20.76 -20.86
C PHE H 122 -15.36 -21.48 -19.56
N VAL H 123 -14.06 -21.53 -19.27
CA VAL H 123 -13.56 -22.14 -18.04
C VAL H 123 -14.13 -21.43 -16.82
N ASN H 124 -14.25 -20.10 -16.90
CA ASN H 124 -14.86 -19.33 -15.84
C ASN H 124 -16.30 -19.75 -15.60
N GLY H 125 -17.04 -19.98 -16.68
CA GLY H 125 -18.43 -20.38 -16.60
C GLY H 125 -18.60 -21.75 -15.99
N VAL H 126 -17.85 -22.72 -16.52
CA VAL H 126 -17.89 -24.09 -16.01
C VAL H 126 -17.52 -24.14 -14.54
N LEU H 127 -16.47 -23.40 -14.18
CA LEU H 127 -16.00 -23.34 -12.80
C LEU H 127 -17.06 -22.72 -11.89
N SER H 128 -17.71 -21.68 -12.38
CA SER H 128 -18.78 -21.02 -11.63
C SER H 128 -19.94 -21.99 -11.37
N ALA H 129 -20.32 -22.75 -12.40
CA ALA H 129 -21.40 -23.72 -12.27
C ALA H 129 -21.04 -24.79 -11.25
N ILE H 130 -19.84 -25.34 -11.40
CA ILE H 130 -19.34 -26.38 -10.49
C ILE H 130 -19.33 -25.91 -9.04
N TYR H 131 -18.85 -24.69 -8.81
CA TYR H 131 -18.76 -24.16 -7.46
C TYR H 131 -20.15 -23.89 -6.88
N LYS H 132 -21.03 -23.32 -7.70
CA LYS H 132 -22.41 -23.07 -7.28
C LYS H 132 -23.11 -24.37 -6.90
N ALA H 133 -22.77 -25.45 -7.60
CA ALA H 133 -23.31 -26.76 -7.29
C ALA H 133 -22.71 -27.30 -6.00
N TYR H 134 -21.42 -27.01 -5.79
CA TYR H 134 -20.71 -27.47 -4.61
C TYR H 134 -21.22 -26.82 -3.33
N ILE H 135 -21.64 -25.56 -3.45
CA ILE H 135 -22.16 -24.82 -2.30
C ILE H 135 -23.42 -25.49 -1.73
N THR H 136 -24.30 -25.94 -2.62
CA THR H 136 -25.56 -26.55 -2.21
C THR H 136 -25.46 -28.07 -2.07
N SER H 137 -24.26 -28.61 -2.25
CA SER H 137 -24.04 -30.05 -2.17
C SER H 137 -24.28 -30.59 -0.75
N SER H 138 -23.60 -29.99 0.23
CA SER H 138 -23.69 -30.44 1.61
C SER H 138 -24.74 -29.66 2.39
#